data_8ZVF
#
_entry.id   8ZVF
#
_cell.length_a   1.00
_cell.length_b   1.00
_cell.length_c   1.00
_cell.angle_alpha   90.00
_cell.angle_beta   90.00
_cell.angle_gamma   90.00
#
_symmetry.space_group_name_H-M   'P 1'
#
loop_
_entity.id
_entity.type
_entity.pdbx_description
1 polymer 'Aluminum-activated malate transporter 9'
2 non-polymer 1,2-DILAUROYL-SN-GLYCERO-3-PHOSPHATE
#
_entity_poly.entity_id   1
_entity_poly.type   'polypeptide(L)'
_entity_poly.pdbx_seq_one_letter_code
;MAAKQGSFRHGILEKRERLLSNNGFSDFRFTDIESNDLLENENCGRRTRLCCCCSCGNLSEKISGVYDDAKDVARKAWEM
GVSDPRKIVFSAKIGLALTIVALLIFYQEPNPDLSRYSVWAILTVVVVFEFTIGATLSKGFNRALGTLSAGGLALGMAEL
STLFGDWEEIFCTLSIFCIGFLATFMKLYPSMKAYEYGFRVFLLTYCYILISGFRTGQFIEVAISRFLLIALGAGVSLGV
NMFIYPIWAGEDLHNLVVKNFMNVATSLEGCVNGYLRCLEYERIPSKILTYQASEDPVYKGYRSAVESTSQEESLMSFAI
WEPPHGPYKSFNYPWKNYVKLSGALKHCAFTVMALHGCILSEIQAPEERRQVFRQELQRVGVEGAKLLRELGEKVKKMEK
LGPVDLLFEVHLAAEELQHKIDKKSYLLVNSECWEIGNRATKESEPQELLSLEDSDPPENHAPPIYAFKSLSEAVLEIPP
SWGEKNHREALNHRPTFSKQVSWPARLVLPPHLETTNGASPLVETTKTYESASALSLATFASLLIEFVARLQNVVDAFKE
LSQKANFKEPEIVTTGTDVEFSGERVGLGQKIRRCFGM
;
_entity_poly.pdbx_strand_id   A,B
#
loop_
_chem_comp.id
_chem_comp.type
_chem_comp.name
_chem_comp.formula
PX2 non-polymer 1,2-DILAUROYL-SN-GLYCERO-3-PHOSPHATE 'C27 H52 O8 P -1'
#
# COMPACT_ATOMS: atom_id res chain seq x y z
N ASP A 68 -25.81 -2.07 21.64
CA ASP A 68 -24.90 -3.21 21.81
C ASP A 68 -23.66 -3.08 20.94
N ASP A 69 -23.83 -3.34 19.64
CA ASP A 69 -22.72 -3.25 18.70
C ASP A 69 -22.17 -1.82 18.65
N ALA A 70 -23.07 -0.83 18.61
CA ALA A 70 -22.65 0.56 18.56
C ALA A 70 -21.87 0.94 19.81
N LYS A 71 -22.37 0.53 20.98
CA LYS A 71 -21.70 0.84 22.23
C LYS A 71 -20.32 0.19 22.29
N ASP A 72 -20.23 -1.08 21.88
CA ASP A 72 -18.95 -1.77 21.90
C ASP A 72 -17.95 -1.10 20.95
N VAL A 73 -18.41 -0.75 19.75
CA VAL A 73 -17.53 -0.10 18.77
C VAL A 73 -17.06 1.24 19.31
N ALA A 74 -17.98 2.01 19.92
CA ALA A 74 -17.62 3.30 20.48
C ALA A 74 -16.59 3.13 21.60
N ARG A 75 -16.76 2.09 22.43
CA ARG A 75 -15.81 1.85 23.51
C ARG A 75 -14.42 1.51 22.96
N LYS A 76 -14.34 0.62 21.97
CA LYS A 76 -13.05 0.28 21.39
C LYS A 76 -12.41 1.51 20.77
N ALA A 77 -13.21 2.33 20.09
CA ALA A 77 -12.70 3.58 19.54
C ALA A 77 -12.21 4.50 20.65
N TRP A 78 -12.89 4.48 21.79
CA TRP A 78 -12.47 5.33 22.90
C TRP A 78 -11.12 4.91 23.44
N GLU A 79 -10.89 3.61 23.60
CA GLU A 79 -9.57 3.15 24.03
C GLU A 79 -8.52 3.48 22.97
N MET A 80 -8.87 3.35 21.69
CA MET A 80 -7.89 3.69 20.66
C MET A 80 -7.54 5.18 20.72
N GLY A 81 -8.53 6.03 20.94
CA GLY A 81 -8.34 7.46 21.03
C GLY A 81 -7.56 7.91 22.24
N VAL A 82 -7.81 7.31 23.40
CA VAL A 82 -7.01 7.65 24.58
C VAL A 82 -5.59 7.13 24.42
N SER A 83 -5.44 5.96 23.78
CA SER A 83 -4.12 5.45 23.47
C SER A 83 -3.40 6.34 22.45
N ASP A 84 -4.15 6.83 21.46
CA ASP A 84 -3.61 7.69 20.41
C ASP A 84 -4.40 8.98 20.39
N PRO A 85 -3.96 10.00 21.13
CA PRO A 85 -4.75 11.23 21.27
C PRO A 85 -4.72 12.10 20.02
N ARG A 86 -3.90 11.73 19.03
CA ARG A 86 -3.85 12.52 17.80
C ARG A 86 -5.15 12.49 17.03
N LYS A 87 -5.94 11.43 17.16
CA LYS A 87 -7.19 11.31 16.41
C LYS A 87 -8.15 12.42 16.79
N ILE A 88 -8.41 12.57 18.10
CA ILE A 88 -9.36 13.57 18.56
C ILE A 88 -8.86 14.98 18.24
N VAL A 89 -7.56 15.21 18.40
CA VAL A 89 -7.01 16.54 18.15
C VAL A 89 -7.18 16.94 16.69
N PHE A 90 -6.84 16.02 15.78
CA PHE A 90 -6.93 16.30 14.36
C PHE A 90 -8.39 16.51 13.92
N SER A 91 -9.28 15.65 14.41
CA SER A 91 -10.70 15.82 14.07
C SER A 91 -11.25 17.13 14.60
N ALA A 92 -10.89 17.50 15.83
CA ALA A 92 -11.34 18.76 16.40
C ALA A 92 -10.78 19.94 15.61
N LYS A 93 -9.55 19.82 15.13
CA LYS A 93 -8.97 20.92 14.35
C LYS A 93 -9.71 21.12 13.04
N ILE A 94 -10.04 20.02 12.35
CA ILE A 94 -10.83 20.16 11.12
C ILE A 94 -12.19 20.76 11.43
N GLY A 95 -12.84 20.29 12.51
CA GLY A 95 -14.10 20.87 12.90
C GLY A 95 -14.01 22.37 13.13
N LEU A 96 -12.98 22.80 13.84
CA LEU A 96 -12.79 24.22 14.14
C LEU A 96 -12.56 25.03 12.88
N ALA A 97 -11.78 24.50 11.94
CA ALA A 97 -11.58 25.21 10.68
C ALA A 97 -12.89 25.37 9.91
N LEU A 98 -13.70 24.31 9.83
CA LEU A 98 -14.98 24.43 9.16
C LEU A 98 -15.88 25.44 9.87
N THR A 99 -15.90 25.43 11.20
CA THR A 99 -16.72 26.36 11.95
C THR A 99 -16.27 27.81 11.73
N ILE A 100 -14.95 28.05 11.72
CA ILE A 100 -14.49 29.44 11.54
C ILE A 100 -14.85 29.92 10.14
N VAL A 101 -14.68 29.07 9.12
CA VAL A 101 -15.02 29.51 7.77
C VAL A 101 -16.51 29.81 7.65
N ALA A 102 -17.36 28.90 8.15
CA ALA A 102 -18.79 29.10 8.04
C ALA A 102 -19.25 30.33 8.82
N LEU A 103 -18.71 30.52 10.04
CA LEU A 103 -19.07 31.68 10.83
C LEU A 103 -18.65 32.98 10.16
N LEU A 104 -17.44 33.01 9.59
CA LEU A 104 -16.98 34.21 8.92
C LEU A 104 -17.88 34.55 7.73
N ILE A 105 -18.22 33.55 6.93
CA ILE A 105 -19.07 33.80 5.76
C ILE A 105 -20.44 34.30 6.21
N PHE A 106 -21.00 33.68 7.24
CA PHE A 106 -22.38 33.99 7.62
C PHE A 106 -22.50 35.24 8.48
N TYR A 107 -21.37 35.84 8.85
CA TYR A 107 -21.40 37.01 9.71
C TYR A 107 -20.87 38.25 9.00
N GLN A 108 -19.70 38.14 8.38
CA GLN A 108 -19.06 39.30 7.77
C GLN A 108 -19.54 39.53 6.35
N GLU A 109 -20.36 38.63 5.80
CA GLU A 109 -20.95 38.87 4.50
C GLU A 109 -22.44 38.56 4.50
N PRO A 110 -23.27 39.33 5.23
CA PRO A 110 -24.72 39.15 5.10
C PRO A 110 -25.23 39.86 3.86
N ASN A 111 -24.37 40.69 3.27
CA ASN A 111 -24.66 41.44 2.06
C ASN A 111 -24.27 40.60 0.85
N PRO A 112 -25.22 40.22 0.02
CA PRO A 112 -24.94 39.24 -1.03
C PRO A 112 -24.16 39.81 -2.20
N ASP A 113 -22.96 40.33 -1.95
CA ASP A 113 -22.03 40.54 -3.05
C ASP A 113 -21.66 39.21 -3.70
N LEU A 114 -21.41 38.20 -2.88
CA LEU A 114 -21.27 36.82 -3.31
C LEU A 114 -21.42 35.94 -2.08
N SER A 115 -22.47 35.12 -2.06
CA SER A 115 -22.73 34.27 -0.91
C SER A 115 -23.28 32.92 -1.33
N ARG A 116 -23.14 32.58 -2.61
CA ARG A 116 -23.65 31.31 -3.12
C ARG A 116 -22.62 30.69 -4.05
N TYR A 117 -21.41 31.25 -4.06
CA TYR A 117 -20.34 30.75 -4.91
C TYR A 117 -19.04 30.58 -4.13
N SER A 118 -19.16 30.59 -2.81
CA SER A 118 -18.01 30.44 -1.92
C SER A 118 -17.82 29.01 -1.45
N VAL A 119 -18.52 28.05 -2.06
CA VAL A 119 -18.37 26.64 -1.67
C VAL A 119 -16.97 26.14 -2.00
N TRP A 120 -16.12 27.00 -2.59
CA TRP A 120 -14.73 26.61 -2.82
C TRP A 120 -13.88 26.78 -1.57
N ALA A 121 -14.31 27.66 -0.65
CA ALA A 121 -13.61 27.80 0.62
C ALA A 121 -13.75 26.54 1.48
N ILE A 122 -14.99 26.04 1.61
CA ILE A 122 -15.22 24.82 2.38
C ILE A 122 -14.47 23.66 1.74
N LEU A 123 -14.49 23.56 0.41
CA LEU A 123 -13.80 22.47 -0.26
C LEU A 123 -12.28 22.57 -0.11
N THR A 124 -11.71 23.76 -0.28
CA THR A 124 -10.26 23.86 -0.13
C THR A 124 -9.85 23.52 1.30
N VAL A 125 -10.66 23.91 2.28
CA VAL A 125 -10.36 23.56 3.67
C VAL A 125 -10.41 22.05 3.88
N VAL A 126 -11.41 21.38 3.29
CA VAL A 126 -11.58 19.96 3.59
C VAL A 126 -10.59 19.13 2.77
N VAL A 127 -9.96 19.72 1.76
CA VAL A 127 -9.09 18.90 0.91
C VAL A 127 -7.60 19.16 1.15
N VAL A 128 -7.21 20.40 1.47
CA VAL A 128 -5.78 20.68 1.62
C VAL A 128 -5.30 20.47 3.05
N PHE A 129 -6.15 19.95 3.93
CA PHE A 129 -5.81 19.74 5.33
C PHE A 129 -5.55 18.25 5.52
N GLU A 130 -4.37 17.91 6.04
CA GLU A 130 -4.01 16.52 6.24
C GLU A 130 -3.47 16.31 7.65
N PHE A 131 -2.96 15.11 7.88
CA PHE A 131 -2.61 14.69 9.24
C PHE A 131 -1.35 15.40 9.71
N THR A 132 -0.33 15.49 8.86
CA THR A 132 0.99 15.92 9.28
C THR A 132 1.35 17.25 8.61
N ILE A 133 2.17 18.05 9.31
CA ILE A 133 2.49 19.38 8.82
C ILE A 133 3.29 19.30 7.52
N GLY A 134 4.24 18.37 7.45
CA GLY A 134 5.00 18.21 6.23
C GLY A 134 4.13 17.87 5.04
N ALA A 135 3.05 17.11 5.28
CA ALA A 135 2.09 16.79 4.24
C ALA A 135 1.47 18.05 3.67
N THR A 136 0.96 18.93 4.54
CA THR A 136 0.30 20.14 4.08
C THR A 136 1.23 21.01 3.24
N LEU A 137 2.46 21.22 3.71
CA LEU A 137 3.35 22.15 3.02
C LEU A 137 3.85 21.56 1.71
N SER A 138 4.33 20.32 1.74
CA SER A 138 4.90 19.71 0.55
C SER A 138 3.85 19.27 -0.46
N LYS A 139 2.75 18.65 -0.01
CA LYS A 139 1.72 18.24 -0.95
C LYS A 139 1.04 19.44 -1.60
N GLY A 140 0.87 20.52 -0.84
CA GLY A 140 0.27 21.72 -1.42
C GLY A 140 1.16 22.35 -2.48
N PHE A 141 2.48 22.30 -2.29
CA PHE A 141 3.39 22.86 -3.28
C PHE A 141 3.29 22.10 -4.60
N ASN A 142 3.08 20.78 -4.52
CA ASN A 142 2.80 20.01 -5.73
C ASN A 142 1.53 20.52 -6.40
N ARG A 143 0.50 20.82 -5.60
CA ARG A 143 -0.73 21.38 -6.13
C ARG A 143 -0.52 22.80 -6.63
N ALA A 144 0.40 23.54 -6.02
CA ALA A 144 0.62 24.92 -6.41
C ALA A 144 1.17 25.01 -7.83
N LEU A 145 2.21 24.24 -8.12
CA LEU A 145 2.75 24.24 -9.48
C LEU A 145 1.84 23.48 -10.43
N GLY A 146 1.06 22.52 -9.92
CA GLY A 146 0.13 21.80 -10.77
C GLY A 146 -0.98 22.67 -11.32
N THR A 147 -1.57 23.52 -10.48
CA THR A 147 -2.60 24.44 -10.94
C THR A 147 -2.06 25.49 -11.89
N LEU A 148 -0.87 26.02 -11.62
CA LEU A 148 -0.28 27.02 -12.50
C LEU A 148 0.16 26.44 -13.84
N SER A 149 0.66 25.20 -13.86
CA SER A 149 1.12 24.61 -15.11
C SER A 149 -0.03 24.49 -16.11
N ALA A 150 -1.19 24.04 -15.64
CA ALA A 150 -2.36 23.97 -16.52
C ALA A 150 -2.85 25.36 -16.88
N GLY A 151 -2.83 26.28 -15.92
CA GLY A 151 -3.18 27.65 -16.19
C GLY A 151 -2.20 28.31 -17.15
N GLY A 152 -0.91 27.96 -17.03
CA GLY A 152 0.09 28.55 -17.90
C GLY A 152 -0.14 28.21 -19.37
N LEU A 153 -0.48 26.96 -19.65
CA LEU A 153 -0.78 26.57 -21.03
C LEU A 153 -2.15 27.10 -21.45
N ALA A 154 -3.04 27.31 -20.48
CA ALA A 154 -4.39 27.77 -20.79
C ALA A 154 -4.36 29.13 -21.46
N LEU A 155 -3.55 30.06 -20.93
CA LEU A 155 -3.42 31.36 -21.56
C LEU A 155 -2.85 31.24 -22.97
N GLY A 156 -1.97 30.26 -23.19
CA GLY A 156 -1.47 30.01 -24.53
C GLY A 156 -2.56 29.55 -25.48
N MET A 157 -3.48 28.72 -24.98
CA MET A 157 -4.57 28.18 -25.78
C MET A 157 -5.88 28.90 -25.56
N ALA A 158 -5.88 30.04 -24.89
CA ALA A 158 -7.03 30.93 -24.90
C ALA A 158 -6.90 31.98 -25.99
N GLU A 159 -5.70 32.55 -26.15
CA GLU A 159 -5.46 33.50 -27.22
C GLU A 159 -5.51 32.82 -28.59
N LEU A 160 -5.16 31.55 -28.66
CA LEU A 160 -5.17 30.82 -29.92
C LEU A 160 -6.58 30.37 -30.27
N TRP A 167 -12.21 27.02 -36.56
CA TRP A 167 -10.96 27.68 -36.19
C TRP A 167 -10.81 27.75 -34.69
N GLU A 168 -11.92 27.97 -33.99
CA GLU A 168 -11.92 28.08 -32.54
C GLU A 168 -12.32 26.77 -31.88
N GLU A 169 -13.50 26.26 -32.23
CA GLU A 169 -14.07 25.10 -31.53
C GLU A 169 -13.28 23.83 -31.81
N ILE A 170 -12.86 23.61 -33.05
CA ILE A 170 -12.09 22.41 -33.38
C ILE A 170 -10.78 22.42 -32.62
N PHE A 171 -10.11 23.57 -32.58
CA PHE A 171 -8.88 23.70 -31.81
C PHE A 171 -9.14 23.45 -30.34
N CYS A 172 -10.25 23.97 -29.83
CA CYS A 172 -10.64 23.76 -28.44
C CYS A 172 -10.77 22.29 -28.10
N THR A 173 -11.54 21.56 -28.90
CA THR A 173 -11.78 20.14 -28.63
C THR A 173 -10.48 19.34 -28.76
N LEU A 174 -9.73 19.57 -29.83
CA LEU A 174 -8.50 18.80 -30.02
C LEU A 174 -7.51 19.07 -28.90
N SER A 175 -7.40 20.32 -28.46
CA SER A 175 -6.51 20.65 -27.35
C SER A 175 -6.97 19.98 -26.07
N ILE A 176 -8.27 20.02 -25.78
CA ILE A 176 -8.77 19.51 -24.50
C ILE A 176 -8.69 18.00 -24.49
N PHE A 177 -8.55 17.40 -25.68
CA PHE A 177 -8.41 15.95 -25.73
C PHE A 177 -6.94 15.56 -25.62
N CYS A 178 -6.07 16.24 -26.37
CA CYS A 178 -4.65 15.89 -26.35
C CYS A 178 -4.00 16.17 -25.00
N ILE A 179 -4.36 17.29 -24.37
CA ILE A 179 -3.76 17.60 -23.07
C ILE A 179 -4.19 16.58 -22.03
N GLY A 180 -5.46 16.17 -22.07
CA GLY A 180 -5.92 15.13 -21.17
C GLY A 180 -5.22 13.82 -21.42
N PHE A 181 -5.03 13.46 -22.68
CA PHE A 181 -4.31 12.24 -23.03
C PHE A 181 -2.90 12.25 -22.48
N LEU A 182 -2.16 13.33 -22.72
CA LEU A 182 -0.77 13.38 -22.28
C LEU A 182 -0.68 13.38 -20.75
N ALA A 183 -1.57 14.10 -20.09
CA ALA A 183 -1.56 14.12 -18.63
C ALA A 183 -1.85 12.73 -18.06
N THR A 184 -2.85 12.04 -18.61
CA THR A 184 -3.18 10.71 -18.13
C THR A 184 -2.02 9.73 -18.35
N PHE A 185 -1.42 9.77 -19.55
CA PHE A 185 -0.32 8.87 -19.84
C PHE A 185 0.86 9.11 -18.91
N MET A 186 1.17 10.39 -18.66
CA MET A 186 2.27 10.70 -17.76
C MET A 186 1.95 10.43 -16.30
N LYS A 187 0.67 10.23 -15.98
CA LYS A 187 0.28 9.89 -14.63
C LYS A 187 0.16 8.40 -14.36
N LEU A 188 0.27 7.58 -15.38
CA LEU A 188 0.05 6.17 -15.15
C LEU A 188 1.40 5.54 -15.43
N TYR A 189 2.47 6.25 -15.14
CA TYR A 189 3.79 5.77 -15.42
C TYR A 189 4.28 5.05 -14.20
N PRO A 190 5.53 4.65 -14.17
CA PRO A 190 6.03 3.92 -13.07
C PRO A 190 6.13 3.72 -11.60
N SER A 191 6.56 4.73 -10.88
CA SER A 191 6.79 4.64 -9.46
C SER A 191 6.29 5.91 -8.84
N MET A 192 5.48 6.64 -9.59
CA MET A 192 4.95 7.93 -9.17
C MET A 192 3.48 7.69 -8.86
N LYS A 193 3.14 6.44 -8.66
CA LYS A 193 1.71 6.18 -8.58
C LYS A 193 1.29 6.90 -7.31
N ALA A 194 2.23 7.54 -6.61
CA ALA A 194 1.92 8.31 -5.42
C ALA A 194 1.94 9.81 -5.67
N TYR A 195 2.76 10.28 -6.61
CA TYR A 195 2.78 11.69 -6.99
C TYR A 195 1.77 11.84 -8.12
N GLU A 196 0.49 11.90 -7.77
CA GLU A 196 -0.58 11.82 -8.75
C GLU A 196 -1.63 12.92 -8.57
N TYR A 197 -1.65 13.56 -7.41
CA TYR A 197 -2.66 14.59 -7.16
C TYR A 197 -2.41 15.82 -8.05
N GLY A 198 -1.14 16.14 -8.31
CA GLY A 198 -0.84 17.26 -9.18
C GLY A 198 -1.38 17.08 -10.57
N PHE A 199 -1.42 15.84 -11.07
CA PHE A 199 -1.92 15.61 -12.42
C PHE A 199 -3.44 15.70 -12.49
N ARG A 200 -4.14 15.23 -11.46
CA ARG A 200 -5.57 15.50 -11.37
C ARG A 200 -5.83 16.99 -11.33
N VAL A 201 -5.00 17.73 -10.60
CA VAL A 201 -5.14 19.19 -10.54
C VAL A 201 -4.96 19.78 -11.93
N PHE A 202 -3.94 19.31 -12.66
CA PHE A 202 -3.65 19.86 -13.97
C PHE A 202 -4.80 19.60 -14.94
N LEU A 203 -5.37 18.39 -14.89
CA LEU A 203 -6.54 18.11 -15.72
C LEU A 203 -7.71 19.02 -15.36
N LEU A 204 -8.05 19.13 -14.08
CA LEU A 204 -9.20 19.90 -13.67
C LEU A 204 -9.07 21.38 -13.97
N THR A 205 -7.90 21.96 -13.75
CA THR A 205 -7.72 23.39 -14.03
C THR A 205 -7.93 23.70 -15.50
N TYR A 206 -7.35 22.87 -16.37
CA TYR A 206 -7.44 23.13 -17.81
C TYR A 206 -8.87 22.94 -18.30
N CYS A 207 -9.53 21.87 -17.85
CA CYS A 207 -10.94 21.67 -18.19
C CYS A 207 -11.80 22.82 -17.69
N TYR A 208 -11.53 23.31 -16.47
CA TYR A 208 -12.29 24.42 -15.92
C TYR A 208 -12.14 25.67 -16.79
N ILE A 209 -10.90 26.00 -17.16
CA ILE A 209 -10.67 27.20 -17.97
C ILE A 209 -11.37 27.07 -19.32
N LEU A 210 -11.27 25.90 -19.95
CA LEU A 210 -11.86 25.76 -21.27
C LEU A 210 -13.39 25.73 -21.26
N ILE A 211 -14.02 25.09 -20.28
CA ILE A 211 -15.47 25.21 -20.21
C ILE A 211 -16.20 26.51 -19.89
N SER A 212 -15.40 27.55 -19.66
CA SER A 212 -15.87 28.88 -19.27
C SER A 212 -15.30 30.15 -19.88
N GLY A 213 -14.16 30.02 -20.55
CA GLY A 213 -13.38 31.15 -21.03
C GLY A 213 -13.89 31.56 -22.40
N PHE A 214 -14.93 30.88 -22.90
CA PHE A 214 -15.48 31.26 -24.20
C PHE A 214 -15.91 32.69 -24.50
N ARG A 215 -16.16 33.45 -23.43
CA ARG A 215 -16.74 34.78 -23.51
C ARG A 215 -15.87 36.02 -23.58
N THR A 216 -14.85 36.08 -22.72
CA THR A 216 -13.87 37.16 -22.64
C THR A 216 -14.55 38.47 -22.29
N GLY A 217 -15.82 38.42 -21.85
CA GLY A 217 -16.46 39.61 -21.33
C GLY A 217 -16.90 39.29 -19.92
N GLN A 218 -17.40 38.06 -19.70
CA GLN A 218 -17.76 37.54 -18.39
C GLN A 218 -16.69 36.64 -17.81
N PHE A 219 -15.43 36.83 -18.24
CA PHE A 219 -14.33 35.97 -17.82
C PHE A 219 -13.89 36.28 -16.40
N ILE A 220 -13.38 37.49 -16.18
CA ILE A 220 -12.73 37.86 -14.92
C ILE A 220 -13.71 37.80 -13.75
N GLU A 221 -14.92 38.29 -13.97
CA GLU A 221 -15.91 38.40 -12.90
C GLU A 221 -16.21 37.04 -12.29
N VAL A 222 -16.35 36.02 -13.14
CA VAL A 222 -16.62 34.67 -12.65
C VAL A 222 -15.32 33.92 -12.31
N ALA A 223 -14.18 34.39 -12.81
CA ALA A 223 -12.92 33.68 -12.56
C ALA A 223 -12.29 34.02 -11.22
N ILE A 224 -12.18 35.31 -10.90
CA ILE A 224 -11.52 35.70 -9.65
C ILE A 224 -12.40 35.44 -8.43
N SER A 225 -13.72 35.38 -8.61
CA SER A 225 -14.66 34.98 -7.57
C SER A 225 -14.54 33.50 -7.24
N ARG A 226 -13.74 32.78 -8.03
CA ARG A 226 -13.43 31.39 -7.75
C ARG A 226 -11.96 31.19 -7.40
N PHE A 227 -11.14 32.24 -7.33
CA PHE A 227 -9.76 32.13 -6.88
C PHE A 227 -9.55 32.75 -5.51
N LEU A 228 -10.15 33.93 -5.27
CA LEU A 228 -9.94 34.59 -3.98
C LEU A 228 -10.44 33.73 -2.84
N LEU A 229 -11.60 33.09 -3.03
CA LEU A 229 -12.21 32.34 -1.94
C LEU A 229 -11.48 31.01 -1.71
N ILE A 230 -10.82 30.48 -2.73
CA ILE A 230 -10.12 29.21 -2.57
C ILE A 230 -8.74 29.49 -1.99
N ALA A 231 -8.24 30.71 -2.18
CA ALA A 231 -7.01 31.12 -1.53
C ALA A 231 -7.23 31.42 -0.05
N LEU A 232 -8.30 32.14 0.29
CA LEU A 232 -8.58 32.39 1.70
C LEU A 232 -9.50 31.30 2.22
N GLY A 233 -9.16 30.05 1.91
CA GLY A 233 -9.51 28.92 2.73
C GLY A 233 -8.23 28.17 3.04
N ALA A 234 -7.31 28.22 2.08
CA ALA A 234 -5.99 27.64 2.27
C ALA A 234 -5.17 28.42 3.28
N GLY A 235 -5.30 29.75 3.31
CA GLY A 235 -4.59 30.51 4.32
C GLY A 235 -4.94 30.08 5.74
N VAL A 236 -6.23 29.94 6.03
CA VAL A 236 -6.66 29.48 7.34
C VAL A 236 -6.31 28.01 7.58
N SER A 237 -6.48 27.14 6.58
CA SER A 237 -6.15 25.73 6.77
C SER A 237 -4.65 25.54 7.01
N LEU A 238 -3.84 26.49 6.57
CA LEU A 238 -2.43 26.48 6.92
C LEU A 238 -2.16 27.03 8.32
N GLY A 239 -2.71 28.20 8.64
CA GLY A 239 -2.41 28.80 9.93
C GLY A 239 -2.90 27.97 11.10
N VAL A 240 -4.14 27.49 11.03
CA VAL A 240 -4.70 26.69 12.11
C VAL A 240 -3.89 25.42 12.30
N ASN A 241 -3.52 24.75 11.21
CA ASN A 241 -2.78 23.51 11.34
C ASN A 241 -1.36 23.73 11.83
N MET A 242 -0.75 24.86 11.50
CA MET A 242 0.63 25.12 11.87
C MET A 242 0.79 25.76 13.25
N PHE A 243 -0.30 26.27 13.86
CA PHE A 243 -0.11 26.93 15.15
C PHE A 243 -1.05 26.38 16.23
N ILE A 244 -1.59 25.18 16.03
CA ILE A 244 -2.36 24.51 17.08
C ILE A 244 -2.00 23.03 17.05
N TYR A 245 -1.35 22.56 18.11
CA TYR A 245 -0.86 21.19 18.26
C TYR A 245 -0.19 20.68 16.98
N PRO A 246 1.02 21.18 16.66
CA PRO A 246 1.73 20.66 15.49
C PRO A 246 1.99 19.17 15.61
N ILE A 247 1.90 18.47 14.48
CA ILE A 247 1.87 17.01 14.47
C ILE A 247 3.14 16.56 13.74
N TRP A 248 4.24 17.30 13.95
CA TRP A 248 5.49 17.21 13.19
C TRP A 248 5.86 15.81 12.72
N ALA A 249 6.21 15.68 11.43
CA ALA A 249 6.56 14.38 10.85
C ALA A 249 7.85 13.80 11.40
N GLY A 250 8.75 14.64 11.90
CA GLY A 250 9.99 14.13 12.46
C GLY A 250 9.77 13.25 13.67
N GLU A 251 8.84 13.62 14.55
CA GLU A 251 8.60 12.84 15.76
C GLU A 251 8.02 11.46 15.43
N ASP A 252 7.12 11.40 14.45
CA ASP A 252 6.54 10.12 14.08
C ASP A 252 7.59 9.18 13.52
N LEU A 253 8.66 9.73 12.94
CA LEU A 253 9.78 8.90 12.51
C LEU A 253 10.46 8.22 13.69
N HIS A 254 10.68 8.95 14.79
CA HIS A 254 11.21 8.32 15.99
C HIS A 254 10.25 7.27 16.51
N ASN A 255 8.95 7.58 16.49
CA ASN A 255 7.98 6.62 17.02
C ASN A 255 7.98 5.32 16.20
N LEU A 256 8.08 5.43 14.89
CA LEU A 256 8.13 4.24 14.04
C LEU A 256 9.46 3.49 14.14
N VAL A 257 10.58 4.21 14.23
CA VAL A 257 11.88 3.54 14.31
C VAL A 257 12.12 2.88 15.66
N VAL A 258 11.35 3.22 16.68
CA VAL A 258 11.56 2.69 18.02
C VAL A 258 10.60 1.52 18.24
N LYS A 259 9.35 1.68 17.78
CA LYS A 259 8.36 0.61 17.91
C LYS A 259 8.84 -0.63 17.19
N ASN A 260 9.62 -0.45 16.12
CA ASN A 260 10.15 -1.57 15.36
C ASN A 260 11.05 -2.44 16.23
N PHE A 261 11.93 -1.82 17.01
CA PHE A 261 12.83 -2.58 17.87
C PHE A 261 12.05 -3.43 18.85
N MET A 262 11.09 -2.82 19.54
CA MET A 262 10.32 -3.55 20.53
C MET A 262 9.52 -4.69 19.91
N ASN A 263 8.86 -4.45 18.78
CA ASN A 263 8.02 -5.51 18.23
C ASN A 263 8.86 -6.64 17.67
N VAL A 264 10.03 -6.33 17.10
CA VAL A 264 10.92 -7.40 16.65
C VAL A 264 11.45 -8.19 17.83
N ALA A 265 11.76 -7.51 18.94
CA ALA A 265 12.25 -8.22 20.12
C ALA A 265 11.18 -9.17 20.67
N THR A 266 9.94 -8.70 20.75
CA THR A 266 8.85 -9.59 21.17
C THR A 266 8.68 -10.73 20.19
N SER A 267 8.90 -10.47 18.89
CA SER A 267 8.80 -11.53 17.89
C SER A 267 9.85 -12.60 18.13
N LEU A 268 11.10 -12.20 18.40
CA LEU A 268 12.14 -13.19 18.67
C LEU A 268 11.83 -13.97 19.93
N GLU A 269 11.34 -13.28 20.97
CA GLU A 269 11.01 -13.98 22.20
C GLU A 269 9.92 -15.01 21.98
N GLY A 270 8.89 -14.65 21.21
CA GLY A 270 7.86 -15.62 20.87
C GLY A 270 8.35 -16.75 20.00
N CYS A 271 9.30 -16.48 19.09
CA CYS A 271 9.86 -17.51 18.22
C CYS A 271 10.61 -18.55 19.04
N VAL A 272 11.50 -18.11 19.92
CA VAL A 272 12.31 -19.04 20.69
C VAL A 272 11.52 -19.80 21.75
N ASN A 273 10.48 -19.19 22.28
CA ASN A 273 9.61 -19.87 23.25
C ASN A 273 8.80 -21.06 22.80
N GLY A 274 8.67 -21.22 21.48
CA GLY A 274 7.81 -22.22 20.92
C GLY A 274 8.05 -23.66 20.54
N TYR A 275 9.32 -24.07 20.58
CA TYR A 275 9.66 -25.44 20.21
C TYR A 275 9.68 -26.27 21.48
N LEU A 276 9.62 -25.59 22.64
CA LEU A 276 9.63 -26.22 23.95
C LEU A 276 8.28 -26.10 24.63
N ARG A 277 7.27 -25.59 23.91
CA ARG A 277 5.99 -25.28 24.51
C ARG A 277 4.94 -26.38 24.48
N CYS A 278 5.27 -27.49 23.82
CA CYS A 278 4.38 -28.64 23.78
C CYS A 278 4.21 -29.68 24.89
N LEU A 279 2.96 -29.97 25.23
CA LEU A 279 2.67 -30.93 26.29
C LEU A 279 2.47 -32.33 25.71
N THR A 309 10.01 -0.67 3.11
CA THR A 309 10.40 0.62 3.64
C THR A 309 9.53 1.70 3.01
N SER A 310 8.27 1.35 2.72
CA SER A 310 7.37 2.30 2.09
C SER A 310 6.87 3.35 3.07
N GLN A 311 6.62 2.96 4.32
CA GLN A 311 6.07 3.86 5.32
C GLN A 311 7.16 4.57 6.13
N GLU A 312 8.43 4.37 5.78
CA GLU A 312 9.52 4.99 6.54
C GLU A 312 10.29 5.98 5.68
N GLU A 313 10.36 5.73 4.37
CA GLU A 313 10.97 6.69 3.46
C GLU A 313 10.00 7.76 2.97
N SER A 314 8.70 7.47 2.91
CA SER A 314 7.73 8.52 2.59
C SER A 314 7.73 9.60 3.67
N LEU A 315 7.80 9.19 4.95
CA LEU A 315 7.84 10.16 6.03
C LEU A 315 9.10 10.99 5.99
N MET A 316 10.19 10.44 5.46
CA MET A 316 11.39 11.22 5.21
C MET A 316 11.17 12.35 4.21
N SER A 317 10.44 12.07 3.13
CA SER A 317 10.17 13.10 2.14
C SER A 317 9.34 14.24 2.74
N PHE A 318 8.38 13.89 3.59
CA PHE A 318 7.61 14.92 4.29
C PHE A 318 8.50 15.70 5.25
N ALA A 319 9.41 15.00 5.92
CA ALA A 319 10.18 15.60 7.01
C ALA A 319 11.21 16.61 6.54
N ILE A 320 11.56 16.60 5.25
CA ILE A 320 12.59 17.51 4.76
C ILE A 320 12.06 18.94 4.60
N TRP A 321 10.75 19.15 4.76
CA TRP A 321 10.16 20.48 4.61
C TRP A 321 9.78 21.14 5.93
N GLU A 322 9.78 20.40 7.04
CA GLU A 322 9.31 20.98 8.29
C GLU A 322 10.45 21.74 8.98
N PRO A 323 10.17 22.90 9.56
CA PRO A 323 11.23 23.74 10.13
C PRO A 323 11.85 23.09 11.35
N PRO A 324 13.01 23.61 11.81
CA PRO A 324 13.74 22.97 12.90
C PRO A 324 12.74 23.29 14.06
N HIS A 325 12.28 22.25 14.76
CA HIS A 325 11.33 22.42 15.80
C HIS A 325 12.45 22.57 16.87
N GLY A 326 12.05 22.35 18.13
CA GLY A 326 12.99 22.10 19.20
C GLY A 326 14.30 21.43 19.51
N PRO A 327 14.33 20.12 19.35
CA PRO A 327 15.51 19.35 19.62
C PRO A 327 16.30 18.98 18.37
N TYR A 328 15.75 19.37 17.23
CA TYR A 328 16.40 19.08 15.98
C TYR A 328 17.01 20.47 15.75
N LYS A 329 18.34 20.51 15.84
CA LYS A 329 19.07 21.76 16.06
C LYS A 329 19.00 22.64 14.82
N SER A 330 19.60 22.19 13.71
CA SER A 330 19.80 23.05 12.56
C SER A 330 19.06 22.51 11.34
N PHE A 331 19.02 23.34 10.30
CA PHE A 331 18.45 22.94 9.03
C PHE A 331 19.29 21.82 8.41
N ASN A 332 18.66 21.10 7.47
CA ASN A 332 19.27 19.96 6.81
C ASN A 332 19.79 18.96 7.83
N TYR A 333 18.95 18.70 8.83
CA TYR A 333 19.24 17.66 9.80
C TYR A 333 19.40 16.31 9.08
N PRO A 334 20.36 15.50 9.49
CA PRO A 334 20.59 14.24 8.76
C PRO A 334 19.45 13.26 8.93
N TRP A 335 18.31 13.57 8.33
CA TRP A 335 17.24 12.59 8.17
C TRP A 335 17.50 11.66 7.00
N LYS A 336 18.70 11.10 6.92
CA LYS A 336 19.02 10.09 5.93
C LYS A 336 19.45 8.79 6.56
N ASN A 337 19.89 8.83 7.82
CA ASN A 337 20.34 7.65 8.54
C ASN A 337 19.24 6.97 9.32
N TYR A 338 18.12 7.66 9.58
CA TYR A 338 16.99 6.99 10.19
C TYR A 338 16.38 5.93 9.28
N VAL A 339 16.44 6.14 7.97
CA VAL A 339 15.95 5.14 7.03
C VAL A 339 16.96 4.04 6.78
N LYS A 340 18.25 4.31 6.97
CA LYS A 340 19.29 3.32 6.77
C LYS A 340 19.43 2.39 7.97
N LEU A 341 19.06 2.86 9.17
CA LEU A 341 19.00 1.99 10.32
C LEU A 341 17.84 1.02 10.22
N SER A 342 16.74 1.45 9.60
CA SER A 342 15.57 0.60 9.47
C SER A 342 15.86 -0.64 8.63
N GLY A 343 16.59 -0.49 7.52
CA GLY A 343 16.95 -1.67 6.74
C GLY A 343 17.91 -2.58 7.48
N ALA A 344 18.82 -1.99 8.26
CA ALA A 344 19.71 -2.79 9.09
C ALA A 344 18.92 -3.66 10.05
N LEU A 345 17.84 -3.12 10.62
CA LEU A 345 16.95 -3.98 11.40
C LEU A 345 16.13 -4.92 10.53
N LYS A 346 15.81 -4.51 9.30
CA LYS A 346 14.96 -5.33 8.44
C LYS A 346 15.66 -6.62 8.02
N HIS A 347 16.98 -6.60 7.97
CA HIS A 347 17.72 -7.85 7.76
C HIS A 347 17.35 -8.89 8.84
N CYS A 348 17.49 -8.49 10.10
CA CYS A 348 17.11 -9.38 11.19
C CYS A 348 15.62 -9.66 11.21
N ALA A 349 14.81 -8.74 10.69
CA ALA A 349 13.37 -9.00 10.58
C ALA A 349 13.12 -10.15 9.63
N PHE A 350 13.83 -10.19 8.50
CA PHE A 350 13.72 -11.32 7.59
C PHE A 350 14.18 -12.60 8.27
N THR A 351 15.28 -12.52 9.04
CA THR A 351 15.76 -13.71 9.73
C THR A 351 14.72 -14.26 10.71
N VAL A 352 14.11 -13.39 11.51
CA VAL A 352 13.12 -13.86 12.47
C VAL A 352 11.85 -14.31 11.77
N MET A 353 11.56 -13.75 10.59
CA MET A 353 10.43 -14.27 9.81
C MET A 353 10.70 -15.69 9.36
N ALA A 354 11.94 -15.98 8.96
CA ALA A 354 12.32 -17.35 8.65
C ALA A 354 12.17 -18.24 9.88
N LEU A 355 12.54 -17.70 11.05
CA LEU A 355 12.38 -18.45 12.29
C LEU A 355 10.92 -18.82 12.51
N HIS A 356 10.01 -17.88 12.27
CA HIS A 356 8.59 -18.16 12.45
C HIS A 356 8.09 -19.15 11.40
N GLY A 357 8.60 -19.05 10.17
CA GLY A 357 8.28 -20.06 9.17
C GLY A 357 8.71 -21.44 9.63
N CYS A 358 9.81 -21.50 10.38
CA CYS A 358 10.22 -22.75 11.01
C CYS A 358 9.25 -23.14 12.12
N ILE A 359 8.71 -22.15 12.83
CA ILE A 359 7.70 -22.40 13.86
C ILE A 359 6.54 -23.18 13.26
N LEU A 360 6.02 -22.73 12.13
CA LEU A 360 4.82 -23.29 11.53
C LEU A 360 5.14 -24.24 10.38
N SER A 361 6.26 -24.95 10.43
CA SER A 361 6.60 -25.87 9.35
C SER A 361 5.78 -27.15 9.46
N GLU A 362 6.00 -28.05 8.49
CA GLU A 362 5.30 -29.33 8.44
C GLU A 362 6.22 -30.50 8.78
N ILE A 363 7.51 -30.25 8.99
CA ILE A 363 8.48 -31.31 9.25
C ILE A 363 9.03 -31.11 10.66
N GLN A 364 8.19 -30.61 11.56
CA GLN A 364 8.63 -30.30 12.92
C GLN A 364 9.18 -31.54 13.62
N ALA A 365 10.17 -31.31 14.48
CA ALA A 365 10.96 -32.34 15.15
C ALA A 365 10.14 -33.11 16.19
N PRO A 366 10.53 -34.34 16.53
CA PRO A 366 9.86 -35.13 17.59
C PRO A 366 10.27 -34.68 18.99
N GLU A 367 9.52 -33.70 19.50
CA GLU A 367 9.86 -32.87 20.66
C GLU A 367 10.59 -33.60 21.79
N GLU A 368 10.25 -34.85 22.05
CA GLU A 368 11.00 -35.63 23.03
C GLU A 368 12.47 -35.63 22.67
N ARG A 369 12.76 -35.70 21.37
CA ARG A 369 14.14 -35.63 20.90
C ARG A 369 14.73 -34.23 21.02
N ARG A 370 13.92 -33.19 20.80
CA ARG A 370 14.45 -31.83 20.84
C ARG A 370 14.80 -31.42 22.26
N GLN A 371 14.07 -31.96 23.24
CA GLN A 371 14.26 -31.60 24.65
C GLN A 371 15.49 -32.31 25.20
N VAL A 372 16.61 -32.15 24.51
CA VAL A 372 17.91 -32.57 25.01
C VAL A 372 18.83 -31.38 24.93
N PHE A 373 18.90 -30.76 23.76
CA PHE A 373 19.53 -29.46 23.58
C PHE A 373 18.36 -28.48 23.65
N ARG A 374 18.07 -28.02 24.88
CA ARG A 374 16.85 -27.31 25.15
C ARG A 374 17.07 -26.06 26.02
N GLN A 375 18.23 -25.95 26.67
CA GLN A 375 18.43 -24.88 27.63
C GLN A 375 19.25 -23.72 27.10
N GLU A 376 20.21 -23.94 26.22
CA GLU A 376 21.06 -22.86 25.74
C GLU A 376 20.36 -21.93 24.77
N LEU A 377 19.38 -22.45 24.03
CA LEU A 377 18.60 -21.61 23.13
C LEU A 377 17.93 -20.48 23.88
N GLN A 378 17.35 -20.78 25.04
CA GLN A 378 16.65 -19.77 25.81
C GLN A 378 17.60 -18.68 26.27
N ARG A 379 18.79 -19.05 26.73
CA ARG A 379 19.77 -18.03 27.11
C ARG A 379 20.21 -17.19 25.93
N VAL A 380 20.43 -17.82 24.76
CA VAL A 380 20.81 -17.04 23.60
C VAL A 380 19.72 -16.04 23.23
N GLY A 381 18.47 -16.48 23.21
CA GLY A 381 17.37 -15.59 22.90
C GLY A 381 17.20 -14.46 23.90
N VAL A 382 17.29 -14.79 25.19
CA VAL A 382 17.13 -13.79 26.23
C VAL A 382 18.22 -12.73 26.13
N GLU A 383 19.47 -13.17 25.94
CA GLU A 383 20.54 -12.20 25.85
C GLU A 383 20.51 -11.43 24.52
N GLY A 384 19.92 -12.01 23.48
CA GLY A 384 19.78 -11.28 22.22
C GLY A 384 18.68 -10.26 22.25
N ALA A 385 17.64 -10.49 23.04
CA ALA A 385 16.57 -9.51 23.15
C ALA A 385 17.05 -8.25 23.85
N LYS A 386 18.05 -8.39 24.73
CA LYS A 386 18.50 -7.28 25.55
C LYS A 386 19.20 -6.19 24.75
N LEU A 387 20.13 -6.57 23.87
CA LEU A 387 20.82 -5.59 23.03
C LEU A 387 19.83 -4.91 22.11
N LEU A 388 18.79 -5.63 21.70
CA LEU A 388 17.79 -5.07 20.81
C LEU A 388 16.85 -4.11 21.52
N ARG A 389 16.56 -4.34 22.80
CA ARG A 389 15.78 -3.35 23.55
C ARG A 389 16.63 -2.14 23.93
N GLU A 390 17.90 -2.34 24.25
CA GLU A 390 18.74 -1.24 24.71
C GLU A 390 19.05 -0.24 23.60
N LEU A 391 19.22 -0.70 22.37
CA LEU A 391 19.38 0.23 21.25
C LEU A 391 18.12 1.06 21.05
N GLY A 392 16.95 0.46 21.19
CA GLY A 392 15.72 1.24 21.11
C GLY A 392 15.66 2.29 22.20
N GLU A 393 16.06 1.93 23.42
CA GLU A 393 16.13 2.92 24.49
C GLU A 393 17.13 4.02 24.17
N LYS A 394 18.27 3.69 23.59
CA LYS A 394 19.26 4.67 23.16
C LYS A 394 18.73 5.61 22.11
N VAL A 395 17.98 5.11 21.13
CA VAL A 395 17.41 5.92 20.07
C VAL A 395 16.28 6.81 20.58
N LYS A 396 15.46 6.29 21.50
CA LYS A 396 14.27 7.01 21.95
C LYS A 396 14.65 8.34 22.61
N LYS A 397 15.60 8.32 23.54
CA LYS A 397 16.02 9.56 24.16
C LYS A 397 17.23 10.17 23.46
N MET A 398 17.80 9.46 22.49
CA MET A 398 18.90 9.94 21.67
C MET A 398 20.07 10.35 22.58
N GLU A 399 20.66 9.35 23.21
CA GLU A 399 21.80 9.57 24.08
C GLU A 399 23.04 9.78 23.22
N LYS A 400 23.69 10.94 23.38
CA LYS A 400 24.97 11.19 22.73
C LYS A 400 26.12 10.71 23.60
N LEU A 401 26.10 9.42 23.96
CA LEU A 401 27.18 8.84 24.74
C LEU A 401 27.76 7.63 24.03
N GLY A 402 26.99 7.04 23.10
CA GLY A 402 27.50 6.01 22.23
C GLY A 402 27.19 4.59 22.68
N PRO A 403 27.02 3.69 21.72
CA PRO A 403 26.86 2.27 22.05
C PRO A 403 28.19 1.56 22.24
N VAL A 404 28.73 1.62 23.46
CA VAL A 404 30.09 1.14 23.73
C VAL A 404 30.07 -0.37 23.99
N ASP A 405 30.39 -1.14 22.96
CA ASP A 405 30.71 -2.57 23.09
C ASP A 405 29.57 -3.35 23.75
N LEU A 406 28.42 -3.36 23.07
CA LEU A 406 27.26 -4.07 23.60
C LEU A 406 27.20 -5.51 23.10
N LEU A 407 28.03 -5.86 22.12
CA LEU A 407 27.99 -7.15 21.46
C LEU A 407 28.53 -8.29 22.33
N PHE A 408 29.07 -7.98 23.50
CA PHE A 408 29.84 -8.95 24.27
C PHE A 408 29.01 -10.15 24.71
N GLU A 409 27.92 -9.89 25.43
CA GLU A 409 27.10 -10.98 25.96
C GLU A 409 26.53 -11.83 24.84
N VAL A 410 26.02 -11.18 23.79
CA VAL A 410 25.43 -11.94 22.70
C VAL A 410 26.50 -12.70 21.91
N HIS A 411 27.69 -12.13 21.74
CA HIS A 411 28.75 -12.87 21.08
C HIS A 411 29.15 -14.10 21.89
N LEU A 412 29.29 -13.95 23.20
CA LEU A 412 29.67 -15.09 24.03
C LEU A 412 28.59 -16.15 24.01
N ALA A 413 27.32 -15.73 24.05
CA ALA A 413 26.23 -16.69 23.97
C ALA A 413 26.25 -17.43 22.64
N ALA A 414 26.48 -16.70 21.54
CA ALA A 414 26.54 -17.33 20.23
C ALA A 414 27.68 -18.33 20.14
N GLU A 415 28.86 -17.96 20.65
CA GLU A 415 30.00 -18.88 20.60
C GLU A 415 29.77 -20.11 21.46
N GLU A 416 29.16 -19.95 22.63
CA GLU A 416 28.91 -21.10 23.49
C GLU A 416 27.86 -22.01 22.87
N LEU A 417 26.89 -21.42 22.16
CA LEU A 417 25.98 -22.23 21.36
C LEU A 417 26.73 -22.97 20.27
N GLN A 418 27.66 -22.30 19.60
CA GLN A 418 28.44 -22.92 18.54
C GLN A 418 29.16 -24.17 19.04
N HIS A 419 29.89 -24.03 20.14
CA HIS A 419 30.64 -25.17 20.66
C HIS A 419 29.79 -25.95 21.67
N LYS A 420 28.54 -26.13 21.32
CA LYS A 420 27.63 -27.03 22.03
C LYS A 420 26.87 -27.94 21.08
N ILE A 421 26.45 -27.41 19.92
CA ILE A 421 25.94 -28.24 18.84
C ILE A 421 26.80 -29.38 18.31
N ASP A 422 28.10 -29.26 18.54
CA ASP A 422 29.15 -30.10 17.96
C ASP A 422 29.60 -31.36 18.64
N LYS A 423 29.69 -31.28 19.98
CA LYS A 423 29.99 -32.46 20.83
C LYS A 423 28.71 -33.35 20.92
N LYS A 424 27.53 -32.76 20.76
CA LYS A 424 26.28 -33.49 20.89
C LYS A 424 25.86 -33.23 19.44
N SER A 425 26.20 -34.14 18.53
CA SER A 425 25.89 -33.93 17.11
C SER A 425 25.28 -35.27 16.74
N TYR A 426 24.90 -36.08 17.73
CA TYR A 426 24.49 -37.46 17.50
C TYR A 426 23.01 -37.39 17.22
N LEU A 427 22.35 -36.33 17.68
CA LEU A 427 20.92 -36.16 17.46
C LEU A 427 20.60 -35.52 16.11
N LEU A 428 21.60 -35.06 15.37
CA LEU A 428 21.36 -34.24 14.19
C LEU A 428 21.55 -34.98 12.89
N VAL A 429 22.31 -36.08 12.88
CA VAL A 429 22.65 -36.81 11.66
C VAL A 429 22.64 -38.31 11.98
N ASN A 430 23.04 -39.09 10.99
CA ASN A 430 23.15 -40.53 11.19
C ASN A 430 24.60 -41.01 11.17
N TYR A 529 11.12 -40.33 6.57
CA TYR A 529 10.47 -39.66 7.69
C TYR A 529 11.46 -39.32 8.80
N GLU A 530 12.25 -40.31 9.22
CA GLU A 530 13.14 -40.10 10.36
C GLU A 530 14.32 -39.21 9.98
N SER A 531 14.92 -39.44 8.82
CA SER A 531 16.11 -38.71 8.44
C SER A 531 15.82 -37.22 8.26
N ALA A 532 14.66 -36.89 7.70
CA ALA A 532 14.34 -35.50 7.41
C ALA A 532 14.27 -34.67 8.69
N SER A 533 13.77 -35.28 9.76
CA SER A 533 13.64 -34.56 11.02
C SER A 533 15.00 -34.19 11.60
N ALA A 534 16.01 -35.02 11.36
CA ALA A 534 17.30 -34.85 12.02
C ALA A 534 17.97 -33.54 11.60
N LEU A 535 18.03 -33.27 10.31
CA LEU A 535 18.69 -32.05 9.82
C LEU A 535 17.85 -30.81 10.12
N SER A 536 16.58 -31.00 10.44
CA SER A 536 15.69 -29.87 10.70
C SER A 536 16.23 -29.03 11.86
N LEU A 537 16.62 -29.68 12.96
CA LEU A 537 17.17 -28.95 14.09
C LEU A 537 18.47 -28.23 13.74
N ALA A 538 19.25 -28.80 12.83
CA ALA A 538 20.47 -28.12 12.40
C ALA A 538 20.14 -26.84 11.66
N THR A 539 19.15 -26.89 10.77
CA THR A 539 18.67 -25.67 10.13
C THR A 539 18.08 -24.71 11.17
N PHE A 540 17.48 -25.28 12.21
CA PHE A 540 16.85 -24.54 13.29
C PHE A 540 17.85 -23.63 13.97
N ALA A 541 18.98 -24.20 14.38
CA ALA A 541 19.96 -23.44 15.16
C ALA A 541 20.90 -22.64 14.26
N SER A 542 21.08 -23.08 13.02
CA SER A 542 22.04 -22.40 12.15
C SER A 542 21.59 -20.99 11.79
N LEU A 543 20.30 -20.70 11.92
CA LEU A 543 19.81 -19.36 11.61
C LEU A 543 20.19 -18.38 12.71
N LEU A 544 20.12 -18.82 13.97
CA LEU A 544 20.30 -17.92 15.11
C LEU A 544 21.69 -17.32 15.15
N ILE A 545 22.72 -18.10 14.82
CA ILE A 545 24.08 -17.58 14.77
C ILE A 545 24.16 -16.54 13.67
N GLU A 546 23.40 -16.73 12.60
CA GLU A 546 23.33 -15.72 11.55
C GLU A 546 22.69 -14.44 12.07
N PHE A 547 21.70 -14.56 12.95
CA PHE A 547 21.11 -13.38 13.56
C PHE A 547 22.15 -12.58 14.35
N VAL A 548 22.95 -13.26 15.17
CA VAL A 548 23.98 -12.60 15.94
C VAL A 548 25.03 -11.98 15.02
N ALA A 549 25.41 -12.69 13.96
CA ALA A 549 26.39 -12.15 13.01
C ALA A 549 25.87 -10.92 12.29
N ARG A 550 24.60 -10.92 11.90
CA ARG A 550 24.00 -9.75 11.25
C ARG A 550 23.73 -8.62 12.21
N LEU A 551 23.64 -8.89 13.52
CA LEU A 551 23.42 -7.86 14.51
C LEU A 551 24.54 -6.82 14.57
N GLN A 552 25.72 -7.14 14.03
CA GLN A 552 26.84 -6.21 14.06
C GLN A 552 26.65 -5.01 13.15
N ASN A 553 26.02 -5.19 11.99
CA ASN A 553 25.82 -4.06 11.08
C ASN A 553 24.93 -3.00 11.71
N VAL A 554 23.97 -3.43 12.54
CA VAL A 554 23.07 -2.48 13.20
C VAL A 554 23.85 -1.54 14.10
N VAL A 555 24.81 -2.08 14.86
CA VAL A 555 25.57 -1.25 15.78
C VAL A 555 26.39 -0.21 15.03
N ASP A 556 27.03 -0.61 13.93
CA ASP A 556 27.78 0.35 13.12
C ASP A 556 26.87 1.41 12.52
N ALA A 557 25.72 0.99 12.01
CA ALA A 557 24.80 1.93 11.38
C ALA A 557 24.16 2.90 12.38
N PHE A 558 24.08 2.52 13.65
CA PHE A 558 23.63 3.45 14.67
C PHE A 558 24.75 4.30 15.25
N LYS A 559 25.98 3.77 15.32
CA LYS A 559 27.11 4.57 15.77
C LYS A 559 27.40 5.69 14.79
N GLU A 560 27.29 5.42 13.48
CA GLU A 560 27.50 6.49 12.51
C GLU A 560 26.40 7.55 12.59
N LEU A 561 25.15 7.12 12.82
CA LEU A 561 24.06 8.08 12.95
C LEU A 561 24.21 8.93 14.20
N SER A 562 24.57 8.33 15.34
CA SER A 562 24.69 9.08 16.58
C SER A 562 25.81 10.11 16.50
N GLN A 563 26.77 9.92 15.59
CA GLN A 563 27.83 10.90 15.38
C GLN A 563 27.41 11.96 14.37
N LYS A 564 26.72 11.54 13.31
CA LYS A 564 26.24 12.46 12.29
C LYS A 564 25.10 13.35 12.78
N ALA A 565 24.41 12.96 13.85
CA ALA A 565 23.30 13.74 14.38
C ALA A 565 23.78 14.85 15.30
N ASP B 68 16.79 14.09 -25.65
CA ASP B 68 17.57 13.00 -25.07
C ASP B 68 16.78 12.26 -24.00
N ASP B 69 16.69 12.88 -22.82
CA ASP B 69 15.96 12.28 -21.71
C ASP B 69 14.48 12.08 -22.07
N ALA B 70 13.89 13.10 -22.69
CA ALA B 70 12.49 13.02 -23.08
C ALA B 70 12.26 11.89 -24.09
N LYS B 71 13.14 11.79 -25.08
CA LYS B 71 13.00 10.75 -26.09
C LYS B 71 13.16 9.36 -25.48
N ASP B 72 14.14 9.20 -24.58
CA ASP B 72 14.34 7.90 -23.94
C ASP B 72 13.14 7.53 -23.08
N VAL B 73 12.61 8.49 -22.32
CA VAL B 73 11.46 8.21 -21.48
C VAL B 73 10.25 7.84 -22.34
N ALA B 74 10.05 8.57 -23.43
CA ALA B 74 8.95 8.27 -24.34
C ALA B 74 9.09 6.88 -24.94
N ARG B 75 10.32 6.49 -25.29
CA ARG B 75 10.55 5.16 -25.84
C ARG B 75 10.23 4.07 -24.82
N LYS B 76 10.72 4.23 -23.59
CA LYS B 76 10.42 3.23 -22.56
C LYS B 76 8.92 3.14 -22.32
N ALA B 77 8.25 4.29 -22.29
CA ALA B 77 6.80 4.30 -22.16
C ALA B 77 6.14 3.59 -23.34
N TRP B 78 6.71 3.75 -24.53
CA TRP B 78 6.15 3.10 -25.70
C TRP B 78 6.24 1.58 -25.61
N GLU B 79 7.39 1.06 -25.16
CA GLU B 79 7.49 -0.38 -24.95
C GLU B 79 6.53 -0.84 -23.85
N MET B 80 6.38 -0.04 -22.80
CA MET B 80 5.45 -0.44 -21.74
C MET B 80 4.03 -0.48 -22.28
N GLY B 81 3.66 0.49 -23.11
CA GLY B 81 2.33 0.57 -23.71
C GLY B 81 2.03 -0.53 -24.69
N VAL B 82 3.00 -0.89 -25.55
CA VAL B 82 2.78 -2.01 -26.46
C VAL B 82 2.74 -3.32 -25.69
N SER B 83 3.54 -3.42 -24.63
CA SER B 83 3.47 -4.60 -23.76
C SER B 83 2.14 -4.64 -23.02
N ASP B 84 1.65 -3.50 -22.57
CA ASP B 84 0.38 -3.39 -21.84
C ASP B 84 -0.52 -2.41 -22.58
N PRO B 85 -1.35 -2.91 -23.49
CA PRO B 85 -2.16 -2.01 -24.32
C PRO B 85 -3.32 -1.37 -23.59
N ARG B 86 -3.55 -1.78 -22.34
CA ARG B 86 -4.65 -1.19 -21.58
C ARG B 86 -4.42 0.28 -21.27
N LYS B 87 -3.16 0.72 -21.20
CA LYS B 87 -2.88 2.11 -20.88
C LYS B 87 -3.45 3.05 -21.95
N ILE B 88 -3.10 2.79 -23.20
CA ILE B 88 -3.54 3.65 -24.30
C ILE B 88 -5.06 3.61 -24.42
N VAL B 89 -5.65 2.42 -24.27
CA VAL B 89 -7.10 2.30 -24.42
C VAL B 89 -7.83 3.10 -23.35
N PHE B 90 -7.40 2.97 -22.10
CA PHE B 90 -8.05 3.69 -21.00
C PHE B 90 -7.88 5.20 -21.15
N SER B 91 -6.67 5.65 -21.50
CA SER B 91 -6.46 7.07 -21.69
C SER B 91 -7.29 7.62 -22.84
N ALA B 92 -7.38 6.88 -23.95
CA ALA B 92 -8.20 7.31 -25.07
C ALA B 92 -9.67 7.35 -24.70
N LYS B 93 -10.11 6.42 -23.86
CA LYS B 93 -11.51 6.43 -23.45
C LYS B 93 -11.84 7.65 -22.61
N ILE B 94 -10.96 8.00 -21.67
CA ILE B 94 -11.18 9.22 -20.90
C ILE B 94 -11.18 10.45 -21.81
N GLY B 95 -10.23 10.49 -22.75
CA GLY B 95 -10.22 11.59 -23.70
C GLY B 95 -11.51 11.71 -24.47
N LEU B 96 -12.04 10.59 -24.95
CA LEU B 96 -13.28 10.58 -25.72
C LEU B 96 -14.46 11.03 -24.88
N ALA B 97 -14.52 10.61 -23.61
CA ALA B 97 -15.60 11.07 -22.74
C ALA B 97 -15.54 12.58 -22.54
N LEU B 98 -14.35 13.12 -22.29
CA LEU B 98 -14.24 14.57 -22.14
C LEU B 98 -14.64 15.29 -23.41
N THR B 99 -14.22 14.76 -24.57
CA THR B 99 -14.57 15.39 -25.84
C THR B 99 -16.07 15.35 -26.09
N ILE B 100 -16.72 14.23 -25.79
CA ILE B 100 -18.17 14.15 -26.04
C ILE B 100 -18.91 15.13 -25.14
N VAL B 101 -18.51 15.22 -23.86
CA VAL B 101 -19.20 16.14 -22.96
C VAL B 101 -19.01 17.58 -23.42
N ALA B 102 -17.77 17.96 -23.74
CA ALA B 102 -17.50 19.34 -24.16
C ALA B 102 -18.22 19.68 -25.46
N LEU B 103 -18.20 18.75 -26.43
CA LEU B 103 -18.89 18.98 -27.69
C LEU B 103 -20.39 19.13 -27.49
N LEU B 104 -20.99 18.28 -26.65
CA LEU B 104 -22.42 18.37 -26.41
C LEU B 104 -22.78 19.71 -25.78
N ILE B 105 -22.00 20.14 -24.79
CA ILE B 105 -22.30 21.42 -24.13
C ILE B 105 -22.17 22.57 -25.13
N PHE B 106 -21.12 22.54 -25.94
CA PHE B 106 -20.83 23.69 -26.81
C PHE B 106 -21.66 23.69 -28.09
N TYR B 107 -22.46 22.65 -28.31
CA TYR B 107 -23.23 22.57 -29.53
C TYR B 107 -24.73 22.61 -29.25
N GLN B 108 -25.20 21.78 -28.32
CA GLN B 108 -26.63 21.68 -28.04
C GLN B 108 -27.11 22.74 -27.06
N GLU B 109 -26.19 23.50 -26.47
CA GLU B 109 -26.60 24.60 -25.61
C GLU B 109 -25.84 25.88 -25.93
N PRO B 110 -26.03 26.48 -27.12
CA PRO B 110 -25.43 27.80 -27.38
C PRO B 110 -26.27 28.88 -26.72
N ASN B 111 -27.47 28.50 -26.29
CA ASN B 111 -28.40 29.39 -25.63
C ASN B 111 -28.15 29.36 -24.13
N PRO B 112 -27.74 30.48 -23.54
CA PRO B 112 -27.27 30.44 -22.16
C PRO B 112 -28.39 30.33 -21.13
N ASP B 113 -29.17 29.25 -21.20
CA ASP B 113 -30.00 28.89 -20.05
C ASP B 113 -29.12 28.58 -18.86
N LEU B 114 -28.05 27.82 -19.09
CA LEU B 114 -26.99 27.59 -18.11
C LEU B 114 -25.78 27.08 -18.88
N SER B 115 -24.70 27.84 -18.88
CA SER B 115 -23.51 27.45 -19.62
C SER B 115 -22.23 27.85 -18.88
N ARG B 116 -22.36 28.15 -17.59
CA ARG B 116 -21.22 28.57 -16.80
C ARG B 116 -21.27 27.89 -15.44
N TYR B 117 -22.17 26.93 -15.29
CA TYR B 117 -22.33 26.20 -14.04
C TYR B 117 -22.37 24.69 -14.26
N SER B 118 -21.95 24.28 -15.44
CA SER B 118 -21.92 22.87 -15.81
C SER B 118 -20.56 22.23 -15.60
N VAL B 119 -19.66 22.91 -14.89
CA VAL B 119 -18.33 22.35 -14.62
C VAL B 119 -18.45 21.12 -13.72
N TRP B 120 -19.66 20.77 -13.30
CA TRP B 120 -19.84 19.55 -12.53
C TRP B 120 -19.90 18.32 -13.43
N ALA B 121 -20.27 18.50 -14.70
CA ALA B 121 -20.24 17.39 -15.65
C ALA B 121 -18.81 16.93 -15.94
N ILE B 122 -17.92 17.89 -16.22
CA ILE B 122 -16.52 17.55 -16.47
C ILE B 122 -15.92 16.90 -15.24
N LEU B 123 -16.24 17.43 -14.05
CA LEU B 123 -15.68 16.87 -12.82
C LEU B 123 -16.21 15.47 -12.55
N THR B 124 -17.52 15.25 -12.70
CA THR B 124 -18.04 13.92 -12.43
C THR B 124 -17.44 12.92 -13.41
N VAL B 125 -17.23 13.33 -14.67
CA VAL B 125 -16.62 12.43 -15.64
C VAL B 125 -15.17 12.11 -15.24
N VAL B 126 -14.42 13.10 -14.77
CA VAL B 126 -13.01 12.85 -14.51
C VAL B 126 -12.83 12.13 -13.18
N VAL B 127 -13.87 12.10 -12.34
CA VAL B 127 -13.68 11.48 -11.02
C VAL B 127 -14.33 10.10 -10.89
N VAL B 128 -15.45 9.87 -11.54
CA VAL B 128 -16.15 8.59 -11.36
C VAL B 128 -15.69 7.54 -12.37
N PHE B 129 -14.69 7.85 -13.18
CA PHE B 129 -14.19 6.95 -14.21
C PHE B 129 -12.88 6.35 -13.71
N GLU B 130 -12.81 5.02 -13.67
CA GLU B 130 -11.62 4.34 -13.18
C GLU B 130 -11.20 3.26 -14.17
N PHE B 131 -10.21 2.48 -13.74
CA PHE B 131 -9.55 1.53 -14.62
C PHE B 131 -10.45 0.35 -14.96
N THR B 132 -11.12 -0.20 -13.95
CA THR B 132 -11.83 -1.47 -14.08
C THR B 132 -13.33 -1.26 -13.94
N ILE B 133 -14.10 -2.12 -14.61
CA ILE B 133 -15.55 -1.95 -14.62
C ILE B 133 -16.12 -2.17 -13.23
N GLY B 134 -15.62 -3.17 -12.51
CA GLY B 134 -16.10 -3.39 -11.15
C GLY B 134 -15.86 -2.21 -10.25
N ALA B 135 -14.76 -1.49 -10.48
CA ALA B 135 -14.46 -0.27 -9.73
C ALA B 135 -15.57 0.75 -9.92
N THR B 136 -15.92 1.04 -11.18
CA THR B 136 -16.93 2.05 -11.46
C THR B 136 -18.26 1.72 -10.81
N LEU B 137 -18.71 0.48 -10.93
CA LEU B 137 -20.04 0.13 -10.44
C LEU B 137 -20.07 0.09 -8.91
N SER B 138 -19.11 -0.60 -8.30
CA SER B 138 -19.11 -0.75 -6.85
C SER B 138 -18.67 0.51 -6.11
N LYS B 139 -17.62 1.19 -6.59
CA LYS B 139 -17.18 2.41 -5.92
C LYS B 139 -18.23 3.50 -6.03
N GLY B 140 -18.92 3.57 -7.17
CA GLY B 140 -19.97 4.57 -7.33
C GLY B 140 -21.15 4.33 -6.39
N PHE B 141 -21.48 3.06 -6.15
CA PHE B 141 -22.57 2.75 -5.24
C PHE B 141 -22.25 3.21 -3.82
N ASN B 142 -20.98 3.11 -3.42
CA ASN B 142 -20.56 3.69 -2.15
C ASN B 142 -20.79 5.20 -2.16
N ARG B 143 -20.48 5.85 -3.28
CA ARG B 143 -20.74 7.28 -3.40
C ARG B 143 -22.23 7.57 -3.46
N ALA B 144 -23.01 6.65 -4.03
CA ALA B 144 -24.45 6.87 -4.17
C ALA B 144 -25.13 6.97 -2.81
N LEU B 145 -24.86 6.00 -1.93
CA LEU B 145 -25.44 6.05 -0.59
C LEU B 145 -24.74 7.10 0.27
N GLY B 146 -23.48 7.40 -0.03
CA GLY B 146 -22.77 8.43 0.71
C GLY B 146 -23.37 9.81 0.51
N THR B 147 -23.67 10.18 -0.74
CA THR B 147 -24.29 11.47 -1.01
C THR B 147 -25.70 11.56 -0.43
N LEU B 148 -26.49 10.50 -0.52
CA LEU B 148 -27.84 10.51 0.01
C LEU B 148 -27.86 10.55 1.54
N SER B 149 -26.93 9.86 2.20
CA SER B 149 -26.92 9.84 3.66
C SER B 149 -26.73 11.23 4.23
N ALA B 150 -25.80 12.00 3.66
CA ALA B 150 -25.62 13.38 4.10
C ALA B 150 -26.81 14.24 3.71
N GLY B 151 -27.36 14.02 2.52
CA GLY B 151 -28.57 14.71 2.10
C GLY B 151 -29.76 14.34 2.95
N GLY B 152 -29.83 13.08 3.38
CA GLY B 152 -30.94 12.64 4.20
C GLY B 152 -31.01 13.36 5.53
N LEU B 153 -29.86 13.53 6.19
CA LEU B 153 -29.82 14.28 7.44
C LEU B 153 -29.96 15.77 7.20
N ALA B 154 -29.57 16.22 6.00
CA ALA B 154 -29.63 17.65 5.67
C ALA B 154 -31.07 18.16 5.73
N LEU B 155 -32.00 17.40 5.15
CA LEU B 155 -33.41 17.79 5.21
C LEU B 155 -33.89 17.82 6.66
N GLY B 156 -33.37 16.92 7.49
CA GLY B 156 -33.71 16.96 8.90
C GLY B 156 -33.22 18.22 9.59
N MET B 157 -32.03 18.68 9.20
CA MET B 157 -31.43 19.87 9.80
C MET B 157 -31.57 21.10 8.92
N ALA B 158 -32.40 21.05 7.90
CA ALA B 158 -32.83 22.27 7.20
C ALA B 158 -34.14 22.79 7.77
N GLU B 159 -35.08 21.89 8.04
CA GLU B 159 -36.33 22.28 8.67
C GLU B 159 -36.12 22.74 10.10
N LEU B 160 -35.11 22.21 10.78
CA LEU B 160 -34.83 22.58 12.16
C LEU B 160 -34.07 23.90 12.23
N TRP B 167 -31.10 30.78 17.32
CA TRP B 167 -31.99 29.64 17.12
C TRP B 167 -31.65 28.92 15.83
N GLU B 168 -31.28 29.69 14.80
CA GLU B 168 -30.95 29.13 13.51
C GLU B 168 -29.45 28.97 13.33
N GLU B 169 -28.70 30.08 13.49
CA GLU B 169 -27.27 30.07 13.18
C GLU B 169 -26.47 29.22 14.16
N ILE B 170 -26.78 29.30 15.45
CA ILE B 170 -26.06 28.51 16.44
C ILE B 170 -26.26 27.03 16.17
N PHE B 171 -27.50 26.64 15.88
CA PHE B 171 -27.80 25.26 15.52
C PHE B 171 -27.05 24.85 14.27
N CYS B 172 -27.00 25.75 13.29
CA CYS B 172 -26.27 25.51 12.05
C CYS B 172 -24.80 25.20 12.30
N THR B 173 -24.14 26.07 13.05
CA THR B 173 -22.71 25.89 13.31
C THR B 173 -22.45 24.63 14.13
N LEU B 174 -23.23 24.42 15.20
CA LEU B 174 -22.99 23.24 16.03
C LEU B 174 -23.23 21.96 15.24
N SER B 175 -24.26 21.94 14.40
CA SER B 175 -24.51 20.77 13.58
C SER B 175 -23.37 20.53 12.59
N ILE B 176 -22.89 21.59 11.94
CA ILE B 176 -21.90 21.42 10.88
C ILE B 176 -20.56 21.06 11.50
N PHE B 177 -20.43 21.30 12.81
CA PHE B 177 -19.19 20.90 13.47
C PHE B 177 -19.29 19.46 13.97
N CYS B 178 -20.41 19.11 14.60
CA CYS B 178 -20.55 17.77 15.16
C CYS B 178 -20.63 16.70 14.07
N ILE B 179 -21.32 16.99 12.96
CA ILE B 179 -21.41 16.00 11.89
C ILE B 179 -20.04 15.77 11.27
N GLY B 180 -19.28 16.84 11.09
CA GLY B 180 -17.93 16.69 10.58
C GLY B 180 -17.04 15.90 11.53
N PHE B 181 -17.17 16.16 12.83
CA PHE B 181 -16.41 15.42 13.83
C PHE B 181 -16.71 13.93 13.76
N LEU B 182 -18.00 13.58 13.77
CA LEU B 182 -18.38 12.17 13.78
C LEU B 182 -17.94 11.49 12.48
N ALA B 183 -18.11 12.16 11.35
CA ALA B 183 -17.68 11.58 10.08
C ALA B 183 -16.18 11.34 10.05
N THR B 184 -15.39 12.32 10.51
CA THR B 184 -13.95 12.15 10.52
C THR B 184 -13.52 11.01 11.44
N PHE B 185 -14.11 10.96 12.65
CA PHE B 185 -13.75 9.92 13.59
C PHE B 185 -14.08 8.54 13.03
N MET B 186 -15.25 8.41 12.40
CA MET B 186 -15.62 7.13 11.83
C MET B 186 -14.84 6.78 10.57
N LYS B 187 -14.14 7.77 9.99
CA LYS B 187 -13.31 7.50 8.83
C LYS B 187 -11.85 7.21 9.17
N LEU B 188 -11.46 7.36 10.41
CA LEU B 188 -10.05 7.18 10.71
C LEU B 188 -10.02 5.97 11.61
N TYR B 189 -10.91 5.03 11.39
CA TYR B 189 -11.00 3.87 12.22
C TYR B 189 -10.16 2.80 11.59
N PRO B 190 -10.20 1.59 12.10
CA PRO B 190 -9.38 0.55 11.58
C PRO B 190 -8.81 -0.16 10.42
N SER B 191 -9.64 -0.63 9.52
CA SER B 191 -9.20 -1.42 8.39
C SER B 191 -9.99 -0.96 7.19
N MET B 192 -10.60 0.20 7.32
CA MET B 192 -11.46 0.76 6.27
C MET B 192 -10.67 1.90 5.67
N LYS B 193 -9.38 1.89 5.90
CA LYS B 193 -8.65 3.09 5.50
C LYS B 193 -8.78 3.10 3.98
N ALA B 194 -9.45 2.11 3.41
CA ALA B 194 -9.70 2.06 1.97
C ALA B 194 -11.12 2.44 1.60
N TYR B 195 -12.08 2.16 2.46
CA TYR B 195 -13.46 2.58 2.25
C TYR B 195 -13.60 3.96 2.87
N GLU B 196 -13.13 4.98 2.15
CA GLU B 196 -13.01 6.32 2.72
C GLU B 196 -13.59 7.40 1.82
N TYR B 197 -13.81 7.08 0.54
CA TYR B 197 -14.33 8.09 -0.38
C TYR B 197 -15.77 8.46 -0.03
N GLY B 198 -16.56 7.48 0.44
CA GLY B 198 -17.92 7.78 0.84
C GLY B 198 -18.00 8.79 1.96
N PHE B 199 -17.02 8.78 2.88
CA PHE B 199 -17.05 9.72 3.99
C PHE B 199 -16.66 11.12 3.56
N ARG B 200 -15.70 11.25 2.65
CA ARG B 200 -15.45 12.55 2.04
C ARG B 200 -16.69 13.06 1.33
N VAL B 201 -17.40 12.17 0.65
CA VAL B 201 -18.64 12.56 -0.02
C VAL B 201 -19.65 13.06 1.01
N PHE B 202 -19.77 12.35 2.13
CA PHE B 202 -20.76 12.72 3.14
C PHE B 202 -20.43 14.08 3.74
N LEU B 203 -19.16 14.34 4.00
CA LEU B 203 -18.76 15.66 4.48
C LEU B 203 -19.09 16.74 3.47
N LEU B 204 -18.69 16.55 2.22
CA LEU B 204 -18.88 17.58 1.20
C LEU B 204 -20.33 17.87 0.92
N THR B 205 -21.19 16.84 0.84
CA THR B 205 -22.60 17.08 0.56
C THR B 205 -23.24 17.92 1.66
N TYR B 206 -22.96 17.57 2.91
CA TYR B 206 -23.59 18.28 4.03
C TYR B 206 -23.08 19.72 4.11
N CYS B 207 -21.77 19.92 3.94
CA CYS B 207 -21.25 21.28 3.90
C CYS B 207 -21.84 22.09 2.75
N TYR B 208 -22.00 21.45 1.58
CA TYR B 208 -22.59 22.14 0.43
C TYR B 208 -24.02 22.59 0.73
N ILE B 209 -24.83 21.69 1.30
CA ILE B 209 -26.22 22.04 1.59
C ILE B 209 -26.28 23.17 2.60
N LEU B 210 -25.45 23.11 3.65
CA LEU B 210 -25.52 24.14 4.68
C LEU B 210 -24.99 25.49 4.22
N ILE B 211 -23.92 25.54 3.44
CA ILE B 211 -23.52 26.84 2.90
C ILE B 211 -24.37 27.63 1.88
N SER B 212 -25.48 27.02 1.50
CA SER B 212 -26.40 27.55 0.49
C SER B 212 -27.91 27.53 0.69
N GLY B 213 -28.38 26.75 1.66
CA GLY B 213 -29.79 26.47 1.87
C GLY B 213 -30.38 27.55 2.74
N PHE B 214 -29.59 28.55 3.13
CA PHE B 214 -30.13 29.61 3.94
C PHE B 214 -31.37 30.41 3.50
N ARG B 215 -31.65 30.36 2.21
CA ARG B 215 -32.67 31.18 1.57
C ARG B 215 -34.10 30.66 1.41
N THR B 216 -34.22 29.42 0.94
CA THR B 216 -35.49 28.72 0.71
C THR B 216 -36.34 29.45 -0.31
N GLY B 217 -35.75 30.39 -1.04
CA GLY B 217 -36.44 31.01 -2.16
C GLY B 217 -35.58 30.77 -3.39
N GLN B 218 -34.26 30.90 -3.23
CA GLN B 218 -33.29 30.59 -4.28
C GLN B 218 -32.66 29.22 -4.09
N PHE B 219 -33.36 28.30 -3.42
CA PHE B 219 -32.83 26.99 -3.13
C PHE B 219 -32.83 26.07 -4.35
N ILE B 220 -34.02 25.77 -4.87
CA ILE B 220 -34.19 24.77 -5.91
C ILE B 220 -33.46 25.16 -7.19
N GLU B 221 -33.57 26.44 -7.56
CA GLU B 221 -33.02 26.92 -8.82
C GLU B 221 -31.52 26.69 -8.90
N VAL B 222 -30.81 26.94 -7.81
CA VAL B 222 -29.37 26.71 -7.77
C VAL B 222 -29.02 25.28 -7.39
N ALA B 223 -29.96 24.54 -6.80
CA ALA B 223 -29.67 23.18 -6.34
C ALA B 223 -29.80 22.15 -7.47
N ILE B 224 -30.88 22.17 -8.23
CA ILE B 224 -31.08 21.17 -9.27
C ILE B 224 -30.20 21.40 -10.48
N SER B 225 -29.76 22.65 -10.69
CA SER B 225 -28.78 23.00 -11.72
C SER B 225 -27.39 22.47 -11.37
N ARG B 226 -27.25 21.93 -10.17
CA ARG B 226 -26.03 21.26 -9.76
C ARG B 226 -26.21 19.77 -9.55
N PHE B 227 -27.41 19.22 -9.79
CA PHE B 227 -27.63 17.78 -9.72
C PHE B 227 -27.86 17.17 -11.09
N LEU B 228 -28.64 17.83 -11.96
CA LEU B 228 -28.91 17.27 -13.27
C LEU B 228 -27.63 17.09 -14.07
N LEU B 229 -26.74 18.09 -14.00
CA LEU B 229 -25.53 18.05 -14.82
C LEU B 229 -24.52 17.04 -14.29
N ILE B 230 -24.57 16.76 -12.98
CA ILE B 230 -23.61 15.82 -12.41
C ILE B 230 -24.15 14.40 -12.60
N ALA B 231 -25.45 14.27 -12.78
CA ALA B 231 -26.03 12.98 -13.14
C ALA B 231 -25.79 12.66 -14.62
N LEU B 232 -25.98 13.62 -15.51
CA LEU B 232 -25.70 13.35 -16.92
C LEU B 232 -24.25 13.75 -17.22
N GLY B 233 -23.35 13.33 -16.34
CA GLY B 233 -21.97 13.10 -16.70
C GLY B 233 -21.63 11.68 -16.31
N ALA B 234 -22.26 11.25 -15.21
CA ALA B 234 -22.12 9.88 -14.75
C ALA B 234 -22.79 8.90 -15.70
N GLY B 235 -23.92 9.26 -16.29
CA GLY B 235 -24.54 8.37 -17.26
C GLY B 235 -23.62 8.03 -18.42
N VAL B 236 -22.98 9.05 -19.00
CA VAL B 236 -22.03 8.82 -20.08
C VAL B 236 -20.76 8.12 -19.60
N SER B 237 -20.22 8.51 -18.44
CA SER B 237 -19.01 7.85 -17.94
C SER B 237 -19.26 6.39 -17.63
N LEU B 238 -20.52 6.01 -17.38
CA LEU B 238 -20.86 4.61 -17.26
C LEU B 238 -21.02 3.92 -18.61
N GLY B 239 -21.80 4.51 -19.52
CA GLY B 239 -22.06 3.86 -20.79
C GLY B 239 -20.80 3.66 -21.62
N VAL B 240 -19.99 4.70 -21.74
CA VAL B 240 -18.76 4.61 -22.53
C VAL B 240 -17.83 3.56 -21.94
N ASN B 241 -17.67 3.54 -20.62
CA ASN B 241 -16.77 2.58 -20.02
C ASN B 241 -17.28 1.16 -20.11
N MET B 242 -18.60 0.96 -20.09
CA MET B 242 -19.17 -0.37 -20.11
C MET B 242 -19.39 -0.93 -21.51
N PHE B 243 -19.31 -0.10 -22.56
CA PHE B 243 -19.58 -0.65 -23.89
C PHE B 243 -18.45 -0.35 -24.89
N ILE B 244 -17.25 -0.03 -24.40
CA ILE B 244 -16.09 0.11 -25.27
C ILE B 244 -14.89 -0.48 -24.55
N TYR B 245 -14.36 -1.58 -25.08
CA TYR B 245 -13.25 -2.35 -24.52
C TYR B 245 -13.41 -2.55 -23.02
N PRO B 246 -14.34 -3.40 -22.58
CA PRO B 246 -14.46 -3.68 -21.14
C PRO B 246 -13.18 -4.25 -20.57
N ILE B 247 -12.85 -3.85 -19.34
CA ILE B 247 -11.53 -4.11 -18.76
C ILE B 247 -11.77 -5.04 -17.56
N TRP B 248 -12.73 -5.96 -17.72
CA TRP B 248 -13.29 -6.80 -16.65
C TRP B 248 -12.30 -7.22 -15.57
N ALA B 249 -12.68 -7.05 -14.30
CA ALA B 249 -11.81 -7.38 -13.18
C ALA B 249 -11.55 -8.87 -13.04
N GLY B 250 -12.44 -9.72 -13.54
CA GLY B 250 -12.22 -11.15 -13.46
C GLY B 250 -11.00 -11.61 -14.22
N GLU B 251 -10.76 -11.05 -15.41
CA GLU B 251 -9.62 -11.47 -16.22
C GLU B 251 -8.30 -11.10 -15.55
N ASP B 252 -8.24 -9.90 -14.95
CA ASP B 252 -7.01 -9.49 -14.29
C ASP B 252 -6.69 -10.39 -13.12
N LEU B 253 -7.70 -11.02 -12.52
CA LEU B 253 -7.44 -12.00 -11.48
C LEU B 253 -6.71 -13.21 -12.02
N HIS B 254 -7.12 -13.71 -13.20
CA HIS B 254 -6.37 -14.78 -13.84
C HIS B 254 -4.95 -14.33 -14.16
N ASN B 255 -4.81 -13.10 -14.65
CA ASN B 255 -3.48 -12.63 -15.02
C ASN B 255 -2.55 -12.57 -13.80
N LEU B 256 -3.08 -12.11 -12.66
CA LEU B 256 -2.27 -12.06 -11.44
C LEU B 256 -2.02 -13.43 -10.84
N VAL B 257 -2.99 -14.33 -10.86
CA VAL B 257 -2.81 -15.66 -10.28
C VAL B 257 -1.89 -16.54 -11.11
N VAL B 258 -1.64 -16.19 -12.37
CA VAL B 258 -0.82 -17.01 -13.25
C VAL B 258 0.60 -16.47 -13.27
N LYS B 259 0.73 -15.14 -13.30
CA LYS B 259 2.04 -14.51 -13.29
C LYS B 259 2.80 -14.90 -12.02
N ASN B 260 2.05 -15.14 -10.94
CA ASN B 260 2.66 -15.53 -9.67
C ASN B 260 3.41 -16.85 -9.82
N PHE B 261 2.78 -17.83 -10.47
CA PHE B 261 3.42 -19.12 -10.64
C PHE B 261 4.74 -18.98 -11.40
N MET B 262 4.71 -18.27 -12.52
CA MET B 262 5.92 -18.12 -13.32
C MET B 262 7.01 -17.39 -12.57
N ASN B 263 6.68 -16.29 -11.88
CA ASN B 263 7.75 -15.52 -11.23
C ASN B 263 8.32 -16.29 -10.05
N VAL B 264 7.48 -17.04 -9.33
CA VAL B 264 8.00 -17.87 -8.24
C VAL B 264 8.90 -18.98 -8.79
N ALA B 265 8.52 -19.57 -9.93
CA ALA B 265 9.35 -20.61 -10.53
C ALA B 265 10.71 -20.06 -10.94
N THR B 266 10.72 -18.89 -11.57
CA THR B 266 12.00 -18.25 -11.90
C THR B 266 12.79 -17.93 -10.65
N SER B 267 12.09 -17.56 -9.57
CA SER B 267 12.78 -17.28 -8.31
C SER B 267 13.47 -18.53 -7.77
N LEU B 268 12.79 -19.67 -7.80
CA LEU B 268 13.40 -20.90 -7.33
C LEU B 268 14.59 -21.29 -8.20
N GLU B 269 14.44 -21.13 -9.52
CA GLU B 269 15.54 -21.46 -10.42
C GLU B 269 16.75 -20.59 -10.15
N GLY B 270 16.55 -19.29 -9.92
CA GLY B 270 17.64 -18.42 -9.54
C GLY B 270 18.24 -18.74 -8.19
N CYS B 271 17.41 -19.17 -7.23
CA CYS B 271 17.89 -19.53 -5.91
C CYS B 271 18.82 -20.74 -5.98
N VAL B 272 18.39 -21.79 -6.65
CA VAL B 272 19.19 -23.01 -6.71
C VAL B 272 20.45 -22.87 -7.54
N ASN B 273 20.40 -22.03 -8.57
CA ASN B 273 21.58 -21.78 -9.39
C ASN B 273 22.79 -21.09 -8.77
N GLY B 274 22.58 -20.49 -7.61
CA GLY B 274 23.59 -19.69 -6.97
C GLY B 274 24.69 -20.04 -5.99
N TYR B 275 24.66 -21.28 -5.50
CA TYR B 275 25.66 -21.71 -4.53
C TYR B 275 26.77 -22.39 -5.30
N LEU B 276 26.54 -22.66 -6.58
CA LEU B 276 27.49 -23.32 -7.46
C LEU B 276 28.02 -22.34 -8.52
N ARG B 277 27.67 -21.07 -8.39
CA ARG B 277 28.00 -20.08 -9.42
C ARG B 277 29.33 -19.36 -9.26
N CYS B 278 30.01 -19.60 -8.16
CA CYS B 278 31.33 -19.02 -7.93
C CYS B 278 32.64 -19.50 -8.53
N LEU B 279 33.42 -18.59 -9.08
CA LEU B 279 34.68 -18.93 -9.70
C LEU B 279 35.83 -18.79 -8.71
N THR B 309 -1.75 -10.35 0.56
CA THR B 309 -2.88 -10.65 -0.30
C THR B 309 -3.75 -9.41 -0.45
N SER B 310 -3.11 -8.24 -0.42
CA SER B 310 -3.85 -7.00 -0.53
C SER B 310 -4.33 -6.73 -1.95
N GLN B 311 -3.53 -7.08 -2.95
CA GLN B 311 -3.86 -6.81 -4.33
C GLN B 311 -4.62 -7.96 -5.00
N GLU B 312 -4.96 -9.01 -4.25
CA GLU B 312 -5.64 -10.17 -4.81
C GLU B 312 -7.05 -10.32 -4.24
N GLU B 313 -7.23 -9.91 -2.98
CA GLU B 313 -8.57 -9.90 -2.40
C GLU B 313 -9.35 -8.63 -2.68
N SER B 314 -8.69 -7.49 -2.90
CA SER B 314 -9.39 -6.29 -3.34
C SER B 314 -10.04 -6.52 -4.70
N LEU B 315 -9.32 -7.16 -5.61
CA LEU B 315 -9.87 -7.44 -6.94
C LEU B 315 -11.05 -8.40 -6.85
N MET B 316 -11.07 -9.26 -5.84
CA MET B 316 -12.23 -10.09 -5.59
C MET B 316 -13.46 -9.27 -5.24
N SER B 317 -13.31 -8.24 -4.40
CA SER B 317 -14.45 -7.40 -4.03
C SER B 317 -15.00 -6.68 -5.26
N PHE B 318 -14.12 -6.22 -6.15
CA PHE B 318 -14.59 -5.61 -7.39
C PHE B 318 -15.28 -6.63 -8.26
N ALA B 319 -14.77 -7.86 -8.30
CA ALA B 319 -15.23 -8.85 -9.26
C ALA B 319 -16.61 -9.40 -8.94
N ILE B 320 -17.10 -9.21 -7.71
CA ILE B 320 -18.41 -9.76 -7.35
C ILE B 320 -19.55 -8.93 -7.93
N TRP B 321 -19.27 -7.79 -8.55
CA TRP B 321 -20.31 -6.93 -9.11
C TRP B 321 -20.38 -6.99 -10.63
N GLU B 322 -19.40 -7.57 -11.30
CA GLU B 322 -19.39 -7.54 -12.76
C GLU B 322 -20.23 -8.69 -13.32
N PRO B 323 -21.00 -8.43 -14.37
CA PRO B 323 -21.94 -9.44 -14.89
C PRO B 323 -21.20 -10.62 -15.50
N PRO B 324 -21.90 -11.74 -15.76
CA PRO B 324 -21.24 -12.95 -16.23
C PRO B 324 -20.86 -12.45 -17.65
N HIS B 325 -19.57 -12.52 -17.99
CA HIS B 325 -19.09 -12.06 -19.25
C HIS B 325 -19.29 -13.46 -19.91
N GLY B 326 -18.58 -13.64 -21.02
CA GLY B 326 -18.35 -14.96 -21.58
C GLY B 326 -18.09 -16.39 -21.19
N PRO B 327 -16.96 -16.60 -20.51
CA PRO B 327 -16.58 -17.93 -20.10
C PRO B 327 -16.89 -18.21 -18.63
N TYR B 328 -17.39 -17.18 -17.94
CA TYR B 328 -17.71 -17.33 -16.56
C TYR B 328 -19.23 -17.51 -16.74
N LYS B 329 -19.68 -18.73 -16.44
CA LYS B 329 -20.97 -19.22 -16.91
C LYS B 329 -22.11 -18.49 -16.19
N SER B 330 -22.22 -18.67 -14.88
CA SER B 330 -23.41 -18.23 -14.15
C SER B 330 -23.05 -17.19 -13.10
N PHE B 331 -24.09 -16.58 -12.55
CA PHE B 331 -23.92 -15.63 -11.45
C PHE B 331 -23.37 -16.35 -10.22
N ASN B 332 -22.81 -15.56 -9.31
CA ASN B 332 -22.18 -16.07 -8.10
C ASN B 332 -21.15 -17.14 -8.43
N TYR B 333 -20.34 -16.83 -9.44
CA TYR B 333 -19.21 -17.69 -9.79
C TYR B 333 -18.28 -17.81 -8.59
N PRO B 334 -17.75 -18.99 -8.32
CA PRO B 334 -16.91 -19.16 -7.13
C PRO B 334 -15.61 -18.39 -7.22
N TRP B 335 -15.69 -17.07 -7.16
CA TRP B 335 -14.50 -16.24 -6.95
C TRP B 335 -14.11 -16.20 -5.49
N LYS B 336 -14.02 -17.35 -4.83
CA LYS B 336 -13.51 -17.44 -3.48
C LYS B 336 -12.30 -18.33 -3.38
N ASN B 337 -12.12 -19.21 -4.36
CA ASN B 337 -11.00 -20.13 -4.38
C ASN B 337 -9.78 -19.60 -5.13
N TYR B 338 -9.95 -18.57 -5.96
CA TYR B 338 -8.80 -17.92 -6.56
C TYR B 338 -7.93 -17.21 -5.53
N VAL B 339 -8.52 -16.71 -4.45
CA VAL B 339 -7.74 -16.09 -3.39
C VAL B 339 -7.17 -17.12 -2.43
N LYS B 340 -7.77 -18.30 -2.33
CA LYS B 340 -7.28 -19.34 -1.44
C LYS B 340 -6.14 -20.12 -2.08
N LEU B 341 -6.10 -20.17 -3.40
CA LEU B 341 -4.94 -20.76 -4.09
C LEU B 341 -3.72 -19.86 -3.95
N SER B 342 -3.93 -18.55 -3.92
CA SER B 342 -2.82 -17.61 -3.80
C SER B 342 -2.06 -17.78 -2.50
N GLY B 343 -2.75 -17.97 -1.38
CA GLY B 343 -2.06 -18.21 -0.13
C GLY B 343 -1.33 -19.54 -0.12
N ALA B 344 -1.93 -20.55 -0.77
CA ALA B 344 -1.26 -21.84 -0.90
C ALA B 344 0.07 -21.68 -1.62
N LEU B 345 0.12 -20.83 -2.65
CA LEU B 345 1.40 -20.52 -3.25
C LEU B 345 2.25 -19.62 -2.38
N LYS B 346 1.63 -18.75 -1.56
CA LYS B 346 2.39 -17.82 -0.73
C LYS B 346 3.19 -18.53 0.34
N HIS B 347 2.72 -19.70 0.78
CA HIS B 347 3.54 -20.52 1.68
C HIS B 347 4.90 -20.81 1.06
N CYS B 348 4.89 -21.35 -0.16
CA CYS B 348 6.13 -21.64 -0.86
C CYS B 348 6.87 -20.36 -1.22
N ALA B 349 6.17 -19.25 -1.38
CA ALA B 349 6.83 -17.97 -1.60
C ALA B 349 7.67 -17.58 -0.39
N PHE B 350 7.12 -17.78 0.81
CA PHE B 350 7.91 -17.55 2.02
C PHE B 350 9.11 -18.48 2.07
N THR B 351 8.91 -19.74 1.69
CA THR B 351 10.02 -20.70 1.72
C THR B 351 11.14 -20.26 0.77
N VAL B 352 10.79 -19.86 -0.45
CA VAL B 352 11.83 -19.45 -1.39
C VAL B 352 12.45 -18.12 -0.98
N MET B 353 11.70 -17.28 -0.26
CA MET B 353 12.29 -16.06 0.28
C MET B 353 13.35 -16.41 1.32
N ALA B 354 13.07 -17.42 2.14
CA ALA B 354 14.09 -17.90 3.07
C ALA B 354 15.30 -18.43 2.31
N LEU B 355 15.05 -19.12 1.20
CA LEU B 355 16.14 -19.61 0.37
C LEU B 355 17.02 -18.46 -0.11
N HIS B 356 16.40 -17.37 -0.55
CA HIS B 356 17.18 -16.21 -1.01
C HIS B 356 17.92 -15.56 0.15
N GLY B 357 17.29 -15.50 1.32
CA GLY B 357 18.00 -15.01 2.50
C GLY B 357 19.23 -15.85 2.78
N CYS B 358 19.15 -17.15 2.47
CA CYS B 358 20.32 -18.01 2.56
C CYS B 358 21.33 -17.66 1.46
N ILE B 359 20.82 -17.27 0.28
CA ILE B 359 21.69 -16.81 -0.81
C ILE B 359 22.59 -15.70 -0.32
N LEU B 360 22.01 -14.68 0.32
CA LEU B 360 22.73 -13.49 0.71
C LEU B 360 23.14 -13.50 2.18
N SER B 361 23.42 -14.66 2.76
CA SER B 361 23.80 -14.71 4.15
C SER B 361 25.26 -14.29 4.32
N GLU B 362 25.71 -14.27 5.58
CA GLU B 362 27.07 -13.88 5.92
C GLU B 362 27.92 -15.05 6.38
N ILE B 363 27.33 -16.25 6.47
CA ILE B 363 28.04 -17.43 6.96
C ILE B 363 28.10 -18.45 5.82
N GLN B 364 28.20 -17.96 4.59
CA GLN B 364 28.18 -18.83 3.42
C GLN B 364 29.31 -19.85 3.47
N ALA B 365 29.04 -21.02 2.92
CA ALA B 365 29.91 -22.20 2.99
C ALA B 365 31.17 -22.03 2.15
N PRO B 366 32.25 -22.77 2.47
CA PRO B 366 33.50 -22.74 1.67
C PRO B 366 33.38 -23.57 0.39
N GLU B 367 32.90 -22.91 -0.67
CA GLU B 367 32.38 -23.52 -1.90
C GLU B 367 33.13 -24.77 -2.37
N GLU B 368 34.46 -24.80 -2.21
CA GLU B 368 35.20 -26.02 -2.53
C GLU B 368 34.60 -27.20 -1.77
N ARG B 369 34.18 -26.96 -0.52
CA ARG B 369 33.52 -27.99 0.27
C ARG B 369 32.11 -28.28 -0.22
N ARG B 370 31.38 -27.27 -0.68
CA ARG B 370 30.00 -27.48 -1.11
C ARG B 370 29.95 -28.29 -2.40
N GLN B 371 30.97 -28.14 -3.25
CA GLN B 371 30.99 -28.79 -4.55
C GLN B 371 31.38 -30.25 -4.39
N VAL B 372 30.66 -30.95 -3.51
CA VAL B 372 30.77 -32.40 -3.39
C VAL B 372 29.37 -32.97 -3.53
N PHE B 373 28.45 -32.44 -2.73
CA PHE B 373 27.02 -32.68 -2.91
C PHE B 373 26.55 -31.47 -3.71
N ARG B 374 26.59 -31.60 -5.04
CA ARG B 374 26.45 -30.47 -5.93
C ARG B 374 25.52 -30.77 -7.11
N GLN B 375 25.22 -32.04 -7.38
CA GLN B 375 24.49 -32.41 -8.57
C GLN B 375 23.01 -32.70 -8.33
N GLU B 376 22.64 -33.25 -7.19
CA GLU B 376 21.24 -33.62 -6.96
C GLU B 376 20.36 -32.41 -6.68
N LEU B 377 20.93 -31.34 -6.14
CA LEU B 377 20.15 -30.13 -5.92
C LEU B 377 19.58 -29.59 -7.23
N GLN B 378 20.40 -29.59 -8.28
CA GLN B 378 19.95 -29.08 -9.57
C GLN B 378 18.79 -29.91 -10.11
N ARG B 379 18.87 -31.24 -10.00
CA ARG B 379 17.76 -32.06 -10.45
C ARG B 379 16.51 -31.81 -9.63
N VAL B 380 16.64 -31.67 -8.31
CA VAL B 380 15.48 -31.39 -7.48
C VAL B 380 14.83 -30.07 -7.89
N GLY B 381 15.63 -29.03 -8.07
CA GLY B 381 15.10 -27.75 -8.48
C GLY B 381 14.44 -27.76 -9.85
N VAL B 382 15.09 -28.43 -10.81
CA VAL B 382 14.56 -28.50 -12.17
C VAL B 382 13.22 -29.23 -12.17
N GLU B 383 13.14 -30.36 -11.45
CA GLU B 383 11.89 -31.10 -11.44
C GLU B 383 10.83 -30.40 -10.62
N GLY B 384 11.23 -29.56 -9.64
CA GLY B 384 10.25 -28.80 -8.89
C GLY B 384 9.69 -27.61 -9.66
N ALA B 385 10.48 -27.04 -10.55
CA ALA B 385 9.98 -25.93 -11.36
C ALA B 385 8.90 -26.40 -12.32
N LYS B 386 8.97 -27.67 -12.73
CA LYS B 386 8.07 -28.19 -13.75
C LYS B 386 6.62 -28.28 -13.28
N LEU B 387 6.39 -28.84 -12.09
CA LEU B 387 5.04 -28.93 -11.54
C LEU B 387 4.48 -27.55 -11.31
N LEU B 388 5.35 -26.59 -10.98
CA LEU B 388 4.91 -25.23 -10.73
C LEU B 388 4.56 -24.48 -12.00
N ARG B 389 5.25 -24.78 -13.11
CA ARG B 389 4.84 -24.19 -14.39
C ARG B 389 3.58 -24.85 -14.95
N GLU B 390 3.46 -26.16 -14.77
CA GLU B 390 2.33 -26.89 -15.35
C GLU B 390 1.01 -26.52 -14.70
N LEU B 391 0.99 -26.27 -13.39
CA LEU B 391 -0.23 -25.79 -12.75
C LEU B 391 -0.63 -24.42 -13.28
N GLY B 392 0.35 -23.54 -13.51
CA GLY B 392 0.03 -22.26 -14.12
C GLY B 392 -0.58 -22.43 -15.50
N GLU B 393 -0.02 -23.35 -16.30
CA GLU B 393 -0.61 -23.64 -17.60
C GLU B 393 -2.02 -24.19 -17.47
N LYS B 394 -2.26 -25.05 -16.48
CA LYS B 394 -3.59 -25.58 -16.21
C LYS B 394 -4.59 -24.49 -15.82
N VAL B 395 -4.18 -23.53 -15.01
CA VAL B 395 -5.04 -22.44 -14.58
C VAL B 395 -5.30 -21.46 -15.72
N LYS B 396 -4.30 -21.18 -16.55
CA LYS B 396 -4.43 -20.16 -17.58
C LYS B 396 -5.54 -20.49 -18.56
N LYS B 397 -5.55 -21.72 -19.08
CA LYS B 397 -6.63 -22.10 -19.98
C LYS B 397 -7.77 -22.78 -19.26
N MET B 398 -7.61 -23.05 -17.96
CA MET B 398 -8.65 -23.62 -17.12
C MET B 398 -9.13 -24.94 -17.72
N GLU B 399 -8.24 -25.92 -17.69
CA GLU B 399 -8.56 -27.25 -18.20
C GLU B 399 -9.41 -27.99 -17.17
N LYS B 400 -10.61 -28.38 -17.57
CA LYS B 400 -11.45 -29.23 -16.72
C LYS B 400 -11.13 -30.71 -16.95
N LEU B 401 -9.88 -31.09 -16.74
CA LEU B 401 -9.47 -32.49 -16.88
C LEU B 401 -8.78 -32.95 -15.59
N GLY B 402 -8.28 -32.01 -14.80
CA GLY B 402 -7.78 -32.32 -13.48
C GLY B 402 -6.28 -32.51 -13.39
N PRO B 403 -5.70 -32.15 -12.24
CA PRO B 403 -4.27 -32.41 -12.02
C PRO B 403 -4.02 -33.82 -11.51
N VAL B 404 -3.88 -34.78 -12.43
CA VAL B 404 -3.82 -36.20 -12.07
C VAL B 404 -2.39 -36.58 -11.70
N ASP B 405 -2.11 -36.61 -10.40
CA ASP B 405 -0.89 -37.23 -9.85
C ASP B 405 0.37 -36.61 -10.45
N LEU B 406 0.56 -35.32 -10.19
CA LEU B 406 1.74 -34.63 -10.73
C LEU B 406 2.90 -34.66 -9.74
N LEU B 407 2.64 -35.09 -8.50
CA LEU B 407 3.62 -35.03 -7.42
C LEU B 407 4.72 -36.08 -7.57
N PHE B 408 4.60 -36.98 -8.54
CA PHE B 408 5.46 -38.17 -8.60
C PHE B 408 6.93 -37.83 -8.75
N GLU B 409 7.28 -37.09 -9.80
CA GLU B 409 8.68 -36.78 -10.08
C GLU B 409 9.30 -35.99 -8.92
N VAL B 410 8.57 -34.99 -8.44
CA VAL B 410 9.12 -34.17 -7.36
C VAL B 410 9.22 -34.97 -6.06
N HIS B 411 8.27 -35.85 -5.77
CA HIS B 411 8.38 -36.69 -4.59
C HIS B 411 9.59 -37.61 -4.68
N LEU B 412 9.79 -38.23 -5.84
CA LEU B 412 10.93 -39.12 -5.99
C LEU B 412 12.25 -38.34 -5.87
N ALA B 413 12.30 -37.15 -6.46
CA ALA B 413 13.50 -36.33 -6.33
C ALA B 413 13.75 -35.97 -4.87
N ALA B 414 12.70 -35.60 -4.14
CA ALA B 414 12.86 -35.24 -2.75
C ALA B 414 13.35 -36.43 -1.93
N GLU B 415 12.79 -37.62 -2.16
CA GLU B 415 13.21 -38.80 -1.41
C GLU B 415 14.66 -39.18 -1.73
N GLU B 416 15.05 -39.06 -3.00
CA GLU B 416 16.42 -39.41 -3.36
C GLU B 416 17.40 -38.39 -2.78
N LEU B 417 16.97 -37.13 -2.68
CA LEU B 417 17.76 -36.15 -1.94
C LEU B 417 17.87 -36.54 -0.47
N GLN B 418 16.75 -36.98 0.12
CA GLN B 418 16.74 -37.37 1.52
C GLN B 418 17.76 -38.46 1.79
N HIS B 419 17.73 -39.52 1.00
CA HIS B 419 18.66 -40.63 1.23
C HIS B 419 19.94 -40.43 0.42
N LYS B 420 20.40 -39.19 0.41
CA LYS B 420 21.72 -38.84 -0.11
C LYS B 420 22.50 -37.96 0.85
N ILE B 421 21.82 -37.02 1.52
CA ILE B 421 22.41 -36.30 2.64
C ILE B 421 22.99 -37.08 3.80
N ASP B 422 22.52 -38.32 3.94
CA ASP B 422 22.77 -39.18 5.09
C ASP B 422 23.95 -40.11 5.13
N LYS B 423 24.25 -40.71 3.98
CA LYS B 423 25.45 -41.55 3.79
C LYS B 423 26.70 -40.61 3.68
N LYS B 424 26.51 -39.37 3.24
CA LYS B 424 27.61 -38.45 3.04
C LYS B 424 27.08 -37.44 4.07
N SER B 425 27.52 -37.56 5.33
CA SER B 425 27.01 -36.68 6.37
C SER B 425 28.30 -36.24 7.06
N TYR B 426 29.44 -36.46 6.40
CA TYR B 426 30.74 -36.27 7.02
C TYR B 426 31.09 -34.81 6.79
N LEU B 427 30.49 -34.20 5.78
CA LEU B 427 30.75 -32.80 5.49
C LEU B 427 29.88 -31.85 6.29
N LEU B 428 28.92 -32.36 7.06
CA LEU B 428 27.90 -31.52 7.68
C LEU B 428 28.12 -31.31 9.17
N VAL B 429 28.85 -32.20 9.84
CA VAL B 429 29.03 -32.17 11.28
C VAL B 429 30.47 -32.57 11.60
N ASN B 430 30.75 -32.71 12.90
CA ASN B 430 32.06 -33.16 13.33
C ASN B 430 32.00 -34.54 13.97
N TYR B 529 34.45 -20.50 13.67
CA TYR B 529 34.40 -20.24 12.23
C TYR B 529 34.10 -21.50 11.44
N GLU B 530 34.85 -22.57 11.69
CA GLU B 530 34.72 -23.78 10.89
C GLU B 530 33.41 -24.51 11.21
N SER B 531 33.09 -24.62 12.49
CA SER B 531 31.92 -25.40 12.89
C SER B 531 30.63 -24.78 12.37
N ALA B 532 30.55 -23.45 12.37
CA ALA B 532 29.32 -22.77 11.97
C ALA B 532 28.98 -23.06 10.52
N SER B 533 30.00 -23.15 9.68
CA SER B 533 29.79 -23.40 8.25
C SER B 533 29.17 -24.78 8.02
N ALA B 534 29.53 -25.75 8.86
CA ALA B 534 29.13 -27.14 8.61
C ALA B 534 27.62 -27.31 8.64
N LEU B 535 26.96 -26.79 9.67
CA LEU B 535 25.52 -26.95 9.81
C LEU B 535 24.77 -26.09 8.81
N SER B 536 25.46 -25.09 8.22
CA SER B 536 24.81 -24.20 7.28
C SER B 536 24.23 -24.97 6.10
N LEU B 537 25.01 -25.89 5.53
CA LEU B 537 24.51 -26.69 4.42
C LEU B 537 23.34 -27.57 4.82
N ALA B 538 23.31 -28.02 6.08
CA ALA B 538 22.18 -28.82 6.54
C ALA B 538 20.91 -27.96 6.57
N THR B 539 21.03 -26.73 7.06
CA THR B 539 19.89 -25.80 6.99
C THR B 539 19.54 -25.52 5.54
N PHE B 540 20.56 -25.50 4.68
CA PHE B 540 20.43 -25.21 3.26
C PHE B 540 19.48 -26.21 2.60
N ALA B 541 19.74 -27.49 2.81
CA ALA B 541 18.98 -28.53 2.13
C ALA B 541 17.69 -28.86 2.87
N SER B 542 17.64 -28.61 4.18
CA SER B 542 16.47 -28.99 4.95
C SER B 542 15.25 -28.17 4.57
N LEU B 543 15.45 -27.01 3.96
CA LEU B 543 14.32 -26.18 3.54
C LEU B 543 13.64 -26.76 2.31
N LEU B 544 14.43 -27.30 1.38
CA LEU B 544 13.91 -27.73 0.08
C LEU B 544 12.92 -28.88 0.23
N ILE B 545 13.19 -29.82 1.13
CA ILE B 545 12.26 -30.92 1.36
C ILE B 545 10.97 -30.35 1.92
N GLU B 546 11.07 -29.27 2.71
CA GLU B 546 9.88 -28.60 3.19
C GLU B 546 9.09 -27.98 2.05
N PHE B 547 9.79 -27.46 1.03
CA PHE B 547 9.10 -26.95 -0.15
C PHE B 547 8.28 -28.04 -0.84
N VAL B 548 8.88 -29.22 -1.03
CA VAL B 548 8.16 -30.32 -1.66
C VAL B 548 7.00 -30.76 -0.80
N ALA B 549 7.20 -30.82 0.52
CA ALA B 549 6.11 -31.22 1.41
C ALA B 549 4.95 -30.23 1.39
N ARG B 550 5.25 -28.93 1.36
CA ARG B 550 4.22 -27.91 1.28
C ARG B 550 3.57 -27.83 -0.09
N LEU B 551 4.23 -28.31 -1.14
CA LEU B 551 3.68 -28.31 -2.48
C LEU B 551 2.40 -29.14 -2.60
N GLN B 552 2.13 -30.04 -1.66
CA GLN B 552 0.95 -30.88 -1.71
C GLN B 552 -0.34 -30.11 -1.46
N ASN B 553 -0.32 -29.12 -0.58
CA ASN B 553 -1.52 -28.35 -0.30
C ASN B 553 -2.00 -27.60 -1.53
N VAL B 554 -1.06 -27.16 -2.37
CA VAL B 554 -1.42 -26.42 -3.58
C VAL B 554 -2.25 -27.30 -4.51
N VAL B 555 -1.85 -28.55 -4.67
CA VAL B 555 -2.57 -29.46 -5.56
C VAL B 555 -3.99 -29.68 -5.07
N ASP B 556 -4.18 -29.90 -3.78
CA ASP B 556 -5.53 -30.06 -3.24
C ASP B 556 -6.35 -28.80 -3.41
N ALA B 557 -5.76 -27.64 -3.14
CA ALA B 557 -6.47 -26.37 -3.24
C ALA B 557 -6.83 -26.02 -4.68
N PHE B 558 -6.09 -26.52 -5.67
CA PHE B 558 -6.48 -26.34 -7.06
C PHE B 558 -7.43 -27.43 -7.56
N LYS B 559 -7.33 -28.64 -7.04
CA LYS B 559 -8.29 -29.68 -7.41
C LYS B 559 -9.69 -29.33 -6.91
N GLU B 560 -9.79 -28.77 -5.72
CA GLU B 560 -11.12 -28.35 -5.23
C GLU B 560 -11.67 -27.21 -6.06
N LEU B 561 -10.82 -26.25 -6.45
CA LEU B 561 -11.28 -25.14 -7.28
C LEU B 561 -11.72 -25.60 -8.66
N SER B 562 -10.95 -26.49 -9.29
CA SER B 562 -11.30 -26.96 -10.63
C SER B 562 -12.61 -27.72 -10.64
N GLN B 563 -13.03 -28.26 -9.49
CA GLN B 563 -14.32 -28.93 -9.38
C GLN B 563 -15.42 -27.94 -9.05
N LYS B 564 -15.14 -26.99 -8.18
CA LYS B 564 -16.12 -25.98 -7.80
C LYS B 564 -16.39 -24.97 -8.91
N ALA B 565 -15.50 -24.86 -9.89
CA ALA B 565 -15.68 -23.91 -10.99
C ALA B 565 -16.56 -24.50 -12.09
O1 PX2 C . -11.55 20.90 -6.85
O2 PX2 C . -12.18 23.36 -6.98
P1 PX2 C . -11.80 22.10 -7.72
O3 PX2 C . -12.67 21.83 -8.94
O4 PX2 C . -10.35 22.44 -8.34
C1 PX2 C . -10.17 23.51 -9.26
C2 PX2 C . -9.27 24.58 -8.68
C3 PX2 C . -8.05 23.92 -8.03
O5 PX2 C . -8.39 23.16 -6.88
C4 PX2 C . -7.81 23.47 -5.59
O6 PX2 C . -7.82 24.63 -5.21
C5 PX2 C . -7.21 22.40 -4.72
C6 PX2 C . -6.03 22.95 -3.96
C7 PX2 C . -5.25 23.91 -4.82
C8 PX2 C . -4.58 24.96 -3.99
C9 PX2 C . -4.85 26.33 -4.62
C10 PX2 C . -3.92 27.42 -4.15
C11 PX2 C . -2.80 26.85 -3.29
C12 PX2 C . -1.68 27.87 -3.11
C13 PX2 C . -1.68 28.93 -4.20
C14 PX2 C . -0.38 29.74 -4.21
C15 PX2 C . -0.48 30.89 -5.19
O7 PX2 C . -8.84 25.44 -9.72
C16 PX2 C . -9.02 26.86 -9.42
O8 PX2 C . -8.98 27.22 -8.26
C17 PX2 C . -9.25 27.85 -10.50
C18 PX2 C . -8.13 28.84 -10.42
C19 PX2 C . -7.60 29.07 -11.79
C20 PX2 C . -7.09 30.48 -11.86
C21 PX2 C . -5.82 30.37 -11.14
C22 PX2 C . -4.70 30.77 -12.05
C23 PX2 C . -4.98 32.14 -12.58
C24 PX2 C . -3.70 32.62 -13.23
C25 PX2 C . -2.55 32.39 -12.28
C26 PX2 C . -1.23 32.81 -12.92
C27 PX2 C . -0.29 33.42 -11.89
O1 PX2 D . -16.97 17.17 -5.81
O2 PX2 D . -19.01 18.26 -6.87
P1 PX2 D . -18.23 17.98 -5.61
O3 PX2 D . -18.05 19.19 -4.70
O4 PX2 D . -19.19 16.99 -4.77
C1 PX2 D . -20.48 17.41 -4.34
C2 PX2 D . -21.56 16.57 -5.02
C3 PX2 D . -21.19 15.10 -4.95
O5 PX2 D . -20.04 14.79 -5.74
C4 PX2 D . -20.13 13.81 -6.81
O6 PX2 D . -21.05 13.90 -7.60
C5 PX2 D . -19.11 12.72 -6.96
C6 PX2 D . -19.76 11.47 -7.48
C7 PX2 D . -21.13 11.30 -6.88
C8 PX2 D . -22.06 10.58 -7.83
C9 PX2 D . -23.37 11.34 -7.90
C10 PX2 D . -24.51 10.53 -8.47
C11 PX2 D . -24.12 9.08 -8.66
C12 PX2 D . -25.34 8.20 -8.90
C13 PX2 D . -26.61 8.85 -8.36
C14 PX2 D . -27.77 7.85 -8.29
C15 PX2 D . -29.07 8.55 -7.93
O7 PX2 D . -22.78 16.77 -4.32
C16 PX2 D . -23.90 17.09 -5.20
O8 PX2 D . -23.91 16.66 -6.34
C17 PX2 D . -25.05 17.93 -4.72
C18 PX2 D . -26.28 17.08 -4.85
C19 PX2 D . -27.07 17.19 -3.60
C20 PX2 D . -28.52 17.05 -3.95
C21 PX2 D . -28.61 15.59 -4.15
C22 PX2 D . -29.63 15.04 -3.18
C23 PX2 D . -30.91 15.77 -3.35
C24 PX2 D . -31.95 14.97 -2.60
C25 PX2 D . -31.84 13.52 -2.99
C26 PX2 D . -32.84 12.68 -2.21
C27 PX2 D . -33.39 11.55 -3.06
#